data_6XLY
#
_entry.id   6XLY
#
_cell.length_a   1.00
_cell.length_b   1.00
_cell.length_c   1.00
_cell.angle_alpha   90.00
_cell.angle_beta   90.00
_cell.angle_gamma   90.00
#
_symmetry.space_group_name_H-M   'P 1'
#
loop_
_entity.id
_entity.type
_entity.pdbx_description
1 polymer 'Probable zinc metalloprotease Zmp1'
2 non-polymer 'ZINC ION'
#
_entity_poly.entity_id   1
_entity_poly.type   'polypeptide(L)'
_entity_poly.pdbx_seq_one_letter_code
;MRGSHHHHHHGMASMTGGQQMGRDLYDDDDKDHPFTMTLAIPSGIDLSHIDADARPQDDLFGHVNGRWLAEHEIPADRAT
DGAFRSLFDRAETQVRDLIIQASQAGAAVGTDAQRIGDLYASFLDEEAVERAGVQPLHDELATIDSAADATELAAALGTL
QRAGVGGGIGVYVDTDSKDSTRYLVHFTQSGIGLPDESYYRDEQHAAVLAAYPGHIARMFGLVYGGESRDHAKTADRIVA
LETKLADAHWDVVKRRDADLGYNLRTFAQLQTEGAGFDWVSWVTALGSAPDAMTELVVRQPDYLVTFASLWASVNVEDWK
CWARWRLIRARAPWLTRALVAEDFEFYGRTLTGAQQLRDRWKRGVSLVENLMGDAVGKLYVQRHFPPDAKSRIDTLVDNL
QEAYRISISELDWMTPQTRQRALAKLNKFTAKVGYPIKWRDYSKLAIDRDDLYGNVQRGYAVNHDRELAKLFGPVDRDEW
FMTPQTVNAYYNPGMNEIVFPAAILQPPFFDPQADEAANYGGIGAVIGHEIGHGFDDQGAKYDGDGNLVDWWTDDDRTEF
AARTKALIEQYHAYTPRDLVDHPGPPHVQGAFTIGENIGDLGGLSIALLAYQLSLNGNPAPVIDGLTGMQRVFFGWAQIW
RTKSRAAEAIRRLAVDPHSPPEFRCNGVVRNVDAFYQAFDVTEDDALFLDPQRRVRIWN
;
_entity_poly.pdbx_strand_id   A
#
loop_
_chem_comp.id
_chem_comp.type
_chem_comp.name
_chem_comp.formula
ZN non-polymer 'ZINC ION' 'Zn 2'
#
# COMPACT_ATOMS: atom_id res chain seq x y z
N ALA A 54 -5.74 8.10 -35.96
CA ALA A 54 -5.67 6.71 -36.35
C ALA A 54 -7.06 6.09 -36.44
N ARG A 55 -7.12 4.84 -36.87
CA ARG A 55 -8.33 4.03 -37.00
C ARG A 55 -8.38 2.98 -35.89
N PRO A 56 -9.55 2.77 -35.26
CA PRO A 56 -9.61 1.86 -34.11
C PRO A 56 -9.52 0.39 -34.45
N GLN A 57 -9.71 0.03 -35.72
CA GLN A 57 -9.45 -1.35 -36.14
C GLN A 57 -7.97 -1.57 -36.40
N ASP A 58 -7.25 -0.53 -36.83
CA ASP A 58 -5.81 -0.59 -37.01
C ASP A 58 -5.05 -0.30 -35.72
N ASP A 59 -5.48 0.72 -34.97
CA ASP A 59 -4.78 1.14 -33.77
C ASP A 59 -5.82 1.73 -32.82
N LEU A 60 -6.29 0.92 -31.88
CA LEU A 60 -7.28 1.39 -30.90
C LEU A 60 -6.64 2.34 -29.91
N PHE A 61 -5.35 2.14 -29.61
CA PHE A 61 -4.62 3.01 -28.71
C PHE A 61 -4.36 4.37 -29.32
N GLY A 62 -4.02 4.41 -30.62
CA GLY A 62 -3.75 5.68 -31.26
C GLY A 62 -4.99 6.43 -31.71
N HIS A 63 -6.16 5.82 -31.58
CA HIS A 63 -7.40 6.49 -31.93
C HIS A 63 -7.78 7.50 -30.86
N VAL A 64 -7.68 7.13 -29.58
CA VAL A 64 -8.12 8.01 -28.51
C VAL A 64 -6.97 8.64 -27.74
N ASN A 65 -5.73 8.16 -27.94
CA ASN A 65 -4.57 8.75 -27.28
C ASN A 65 -3.59 9.31 -28.30
N GLY A 66 -4.03 9.50 -29.55
CA GLY A 66 -3.20 10.19 -30.52
C GLY A 66 -3.16 11.68 -30.28
N ARG A 67 -4.21 12.20 -29.65
CA ARG A 67 -4.22 13.58 -29.17
C ARG A 67 -3.74 13.69 -27.73
N TRP A 68 -3.10 12.66 -27.20
CA TRP A 68 -2.50 12.70 -25.88
C TRP A 68 -1.04 12.29 -25.86
N LEU A 69 -0.62 11.36 -26.72
CA LEU A 69 0.78 10.96 -26.75
C LEU A 69 1.69 12.01 -27.41
N ALA A 70 1.12 12.90 -28.21
CA ALA A 70 1.92 13.94 -28.85
C ALA A 70 1.96 15.21 -28.00
N GLU A 71 0.79 15.77 -27.69
CA GLU A 71 0.69 17.11 -27.14
C GLU A 71 0.57 17.14 -25.61
N HIS A 72 1.07 16.10 -24.93
CA HIS A 72 1.22 16.11 -23.48
C HIS A 72 2.65 15.72 -23.15
N GLU A 73 3.39 16.63 -22.54
CA GLU A 73 4.78 16.39 -22.17
C GLU A 73 4.87 15.99 -20.71
N ILE A 74 5.77 15.06 -20.42
CA ILE A 74 6.00 14.59 -19.05
C ILE A 74 6.74 15.68 -18.27
N PRO A 75 6.35 15.97 -17.03
CA PRO A 75 7.12 16.90 -16.20
C PRO A 75 8.45 16.30 -15.76
N ALA A 76 9.34 17.18 -15.32
CA ALA A 76 10.73 16.83 -15.10
C ALA A 76 10.96 15.97 -13.86
N ASP A 77 10.07 16.04 -12.87
CA ASP A 77 10.21 15.20 -11.69
C ASP A 77 9.61 13.82 -11.88
N ARG A 78 8.88 13.59 -12.97
CA ARG A 78 8.18 12.34 -13.21
C ARG A 78 9.03 11.40 -14.04
N ALA A 79 9.02 10.12 -13.67
CA ALA A 79 9.60 9.10 -14.53
C ALA A 79 8.63 8.72 -15.64
N THR A 80 7.41 8.34 -15.26
CA THR A 80 6.34 8.04 -16.20
C THR A 80 5.09 8.80 -15.79
N ASP A 81 4.34 9.28 -16.77
CA ASP A 81 3.15 10.09 -16.53
C ASP A 81 1.95 9.33 -17.07
N GLY A 82 1.27 8.58 -16.19
CA GLY A 82 0.16 7.74 -16.57
C GLY A 82 -1.17 8.21 -16.00
N ALA A 83 -2.23 7.57 -16.49
CA ALA A 83 -3.57 7.78 -15.93
C ALA A 83 -3.71 7.13 -14.57
N PHE A 84 -2.94 6.08 -14.31
CA PHE A 84 -2.79 5.58 -12.94
C PHE A 84 -1.99 6.55 -12.09
N ARG A 85 -1.06 7.28 -12.69
CA ARG A 85 -0.29 8.26 -11.94
C ARG A 85 -0.94 9.64 -12.00
N SER A 86 -1.99 9.81 -12.80
CA SER A 86 -2.76 11.05 -12.73
C SER A 86 -3.72 11.05 -11.56
N LEU A 87 -4.03 9.87 -11.02
CA LEU A 87 -4.88 9.80 -9.85
C LEU A 87 -4.08 9.99 -8.57
N PHE A 88 -2.77 9.79 -8.64
CA PHE A 88 -1.91 10.09 -7.49
C PHE A 88 -1.76 11.59 -7.29
N ASP A 89 -1.81 12.36 -8.37
CA ASP A 89 -1.70 13.81 -8.27
C ASP A 89 -3.03 14.43 -7.85
N ARG A 90 -4.13 13.68 -7.97
CA ARG A 90 -5.43 14.21 -7.58
C ARG A 90 -5.87 13.69 -6.23
N ALA A 91 -5.29 12.59 -5.75
CA ALA A 91 -5.57 12.15 -4.39
C ALA A 91 -4.65 12.84 -3.40
N GLU A 92 -3.58 13.48 -3.89
CA GLU A 92 -2.73 14.25 -3.00
C GLU A 92 -3.09 15.74 -3.04
N THR A 93 -3.86 16.17 -4.04
CA THR A 93 -4.33 17.54 -4.07
C THR A 93 -5.63 17.68 -3.30
N GLN A 94 -6.57 16.75 -3.51
CA GLN A 94 -7.89 16.85 -2.90
C GLN A 94 -7.90 16.42 -1.44
N VAL A 95 -6.83 15.79 -0.95
CA VAL A 95 -6.72 15.56 0.48
C VAL A 95 -6.05 16.77 1.15
N ARG A 96 -5.06 17.37 0.47
CA ARG A 96 -4.38 18.57 0.97
C ARG A 96 -5.31 19.78 0.97
N ASP A 97 -6.22 19.87 0.00
CA ASP A 97 -7.20 20.94 -0.01
C ASP A 97 -8.35 20.70 0.96
N LEU A 98 -8.39 19.53 1.58
CA LEU A 98 -9.47 19.19 2.51
C LEU A 98 -9.07 19.50 3.95
N ILE A 99 -7.79 19.33 4.29
CA ILE A 99 -7.32 19.61 5.64
C ILE A 99 -6.95 21.08 5.79
N ILE A 100 -6.62 21.75 4.68
CA ILE A 100 -6.48 23.20 4.67
C ILE A 100 -7.83 23.87 4.88
N GLN A 101 -8.87 23.33 4.26
CA GLN A 101 -10.24 23.83 4.43
C GLN A 101 -10.79 23.53 5.82
N ALA A 102 -10.38 22.42 6.43
CA ALA A 102 -10.84 22.12 7.77
C ALA A 102 -10.10 22.91 8.84
N SER A 103 -8.95 23.51 8.49
CA SER A 103 -8.25 24.38 9.43
C SER A 103 -8.85 25.78 9.46
N GLN A 104 -9.30 26.27 8.30
CA GLN A 104 -9.90 27.59 8.17
C GLN A 104 -11.42 27.56 8.31
N ALA A 105 -11.97 26.57 9.00
CA ALA A 105 -13.40 26.45 9.20
C ALA A 105 -13.82 26.70 10.63
N GLY A 106 -13.10 26.13 11.60
CA GLY A 106 -13.41 26.33 13.00
C GLY A 106 -14.63 25.55 13.46
N ALA A 107 -14.55 24.24 13.41
CA ALA A 107 -15.65 23.40 13.86
C ALA A 107 -15.64 23.27 15.38
N ALA A 108 -16.69 22.65 15.91
CA ALA A 108 -16.84 22.49 17.35
C ALA A 108 -15.90 21.42 17.87
N VAL A 109 -15.50 21.56 19.13
CA VAL A 109 -14.55 20.64 19.75
C VAL A 109 -15.26 19.32 20.03
N GLY A 110 -14.80 18.26 19.38
CA GLY A 110 -15.43 16.96 19.50
C GLY A 110 -15.75 16.34 18.16
N THR A 111 -15.80 17.16 17.11
CA THR A 111 -16.06 16.67 15.78
C THR A 111 -14.77 16.19 15.12
N ASP A 112 -14.83 15.89 13.83
CA ASP A 112 -13.65 15.43 13.11
C ASP A 112 -13.15 16.43 12.08
N ALA A 113 -13.92 17.46 11.76
CA ALA A 113 -13.36 18.56 10.99
C ALA A 113 -12.53 19.48 11.87
N GLN A 114 -12.80 19.48 13.18
CA GLN A 114 -11.94 20.19 14.11
C GLN A 114 -10.64 19.43 14.35
N ARG A 115 -10.71 18.10 14.39
CA ARG A 115 -9.58 17.30 14.82
C ARG A 115 -8.51 17.20 13.75
N ILE A 116 -8.91 17.21 12.48
CA ILE A 116 -7.88 17.26 11.44
C ILE A 116 -7.49 18.71 11.17
N GLY A 117 -8.34 19.66 11.53
CA GLY A 117 -8.07 21.04 11.22
C GLY A 117 -7.11 21.67 12.21
N ASP A 118 -7.09 21.13 13.42
CA ASP A 118 -6.20 21.66 14.45
C ASP A 118 -4.94 20.83 14.62
N LEU A 119 -4.87 19.64 14.02
CA LEU A 119 -3.62 18.90 14.01
C LEU A 119 -2.69 19.42 12.92
N TYR A 120 -3.24 19.73 11.74
CA TYR A 120 -2.46 20.29 10.65
C TYR A 120 -2.03 21.72 10.94
N ALA A 121 -2.88 22.49 11.62
CA ALA A 121 -2.51 23.86 11.95
C ALA A 121 -1.58 23.95 13.14
N SER A 122 -1.45 22.88 13.93
CA SER A 122 -0.39 22.85 14.92
C SER A 122 0.95 22.55 14.29
N PHE A 123 0.97 21.85 13.15
CA PHE A 123 2.21 21.61 12.44
C PHE A 123 2.63 22.82 11.62
N LEU A 124 1.68 23.46 10.94
CA LEU A 124 2.00 24.53 10.01
C LEU A 124 2.38 25.82 10.72
N ASP A 125 1.98 25.99 11.98
CA ASP A 125 2.44 27.12 12.79
C ASP A 125 3.74 26.70 13.45
N GLU A 126 4.84 26.89 12.73
CA GLU A 126 6.16 26.50 13.24
C GLU A 126 6.77 27.54 14.16
N GLU A 127 6.19 28.73 14.24
CA GLU A 127 6.66 29.73 15.19
C GLU A 127 6.26 29.36 16.62
N ALA A 128 5.14 28.67 16.78
CA ALA A 128 4.71 28.22 18.10
C ALA A 128 5.42 26.96 18.54
N VAL A 129 6.10 26.26 17.62
CA VAL A 129 6.95 25.14 18.02
C VAL A 129 8.28 25.68 18.53
N GLU A 130 8.74 26.82 17.99
CA GLU A 130 9.93 27.48 18.51
C GLU A 130 9.69 28.13 19.85
N ARG A 131 8.46 28.58 20.12
CA ARG A 131 8.12 29.11 21.44
C ARG A 131 8.03 28.00 22.47
N ALA A 132 7.63 26.80 22.06
CA ALA A 132 7.68 25.66 22.97
C ALA A 132 9.11 25.19 23.18
N GLY A 133 9.93 25.25 22.13
CA GLY A 133 11.31 24.84 22.25
C GLY A 133 11.48 23.34 22.24
N VAL A 134 12.56 22.88 22.85
CA VAL A 134 12.80 21.48 23.10
C VAL A 134 12.37 21.08 24.52
N GLN A 135 11.63 21.95 25.19
CA GLN A 135 10.98 21.75 26.47
C GLN A 135 9.81 20.74 26.46
N PRO A 136 9.00 20.58 25.39
CA PRO A 136 8.14 19.38 25.33
C PRO A 136 8.89 18.06 25.23
N LEU A 137 10.09 18.06 24.65
CA LEU A 137 10.89 16.83 24.62
C LEU A 137 11.45 16.52 26.00
N HIS A 138 11.85 17.56 26.75
CA HIS A 138 12.47 17.37 28.06
C HIS A 138 11.48 16.89 29.11
N ASP A 139 10.19 17.16 28.93
CA ASP A 139 9.19 16.54 29.81
C ASP A 139 9.03 15.06 29.48
N GLU A 140 9.28 14.67 28.22
CA GLU A 140 9.16 13.27 27.86
C GLU A 140 10.50 12.55 28.00
N LEU A 141 11.62 13.30 27.95
CA LEU A 141 12.92 12.72 28.31
C LEU A 141 13.04 12.50 29.81
N ALA A 142 12.24 13.21 30.62
CA ALA A 142 12.27 13.02 32.07
C ALA A 142 11.63 11.71 32.49
N THR A 143 10.79 11.12 31.64
CA THR A 143 10.27 9.78 31.91
C THR A 143 11.36 8.71 31.77
N ILE A 144 12.34 8.96 30.89
CA ILE A 144 13.50 8.08 30.82
C ILE A 144 14.40 8.29 32.03
N ASP A 145 14.63 9.55 32.39
CA ASP A 145 15.58 9.92 33.43
C ASP A 145 15.08 9.62 34.84
N SER A 146 13.78 9.44 35.04
CA SER A 146 13.24 9.07 36.34
C SER A 146 13.20 7.57 36.57
N ALA A 147 13.72 6.78 35.64
CA ALA A 147 13.64 5.32 35.73
C ALA A 147 14.88 4.79 36.42
N ALA A 148 14.71 4.28 37.63
CA ALA A 148 15.83 3.77 38.42
C ALA A 148 16.24 2.37 37.97
N ASP A 149 15.32 1.41 38.09
CA ASP A 149 15.59 0.04 37.71
C ASP A 149 15.25 -0.18 36.24
N ALA A 150 15.41 -1.43 35.78
CA ALA A 150 15.07 -1.79 34.41
C ALA A 150 13.59 -2.04 34.22
N THR A 151 12.83 -2.19 35.31
CA THR A 151 11.39 -2.34 35.20
C THR A 151 10.73 -1.02 34.83
N GLU A 152 11.15 0.07 35.47
CA GLU A 152 10.60 1.39 35.15
C GLU A 152 11.15 1.94 33.83
N LEU A 153 12.27 1.40 33.36
CA LEU A 153 12.77 1.80 32.04
C LEU A 153 11.93 1.18 30.93
N ALA A 154 11.43 -0.04 31.15
CA ALA A 154 10.59 -0.70 30.16
C ALA A 154 9.21 -0.08 30.10
N ALA A 155 8.64 0.26 31.26
CA ALA A 155 7.32 0.89 31.31
C ALA A 155 7.35 2.33 30.82
N ALA A 156 8.50 3.01 30.94
CA ALA A 156 8.64 4.31 30.31
C ALA A 156 8.78 4.17 28.81
N LEU A 157 9.38 3.07 28.35
CA LEU A 157 9.58 2.84 26.93
C LEU A 157 8.29 2.48 26.22
N GLY A 158 7.40 1.73 26.90
CA GLY A 158 6.12 1.42 26.31
C GLY A 158 5.18 2.62 26.25
N THR A 159 5.34 3.56 27.20
CA THR A 159 4.61 4.82 27.14
C THR A 159 5.11 5.69 26.00
N LEU A 160 6.40 5.59 25.67
CA LEU A 160 6.90 6.18 24.43
C LEU A 160 6.35 5.44 23.22
N GLN A 161 6.26 4.12 23.32
CA GLN A 161 5.89 3.29 22.18
C GLN A 161 4.40 3.38 21.89
N ARG A 162 3.59 3.62 22.92
CA ARG A 162 2.19 3.96 22.71
C ARG A 162 2.06 5.33 22.05
N ALA A 163 2.92 6.26 22.43
CA ALA A 163 2.85 7.62 21.91
C ALA A 163 3.65 7.83 20.63
N GLY A 164 4.13 6.76 19.99
CA GLY A 164 4.63 6.88 18.63
C GLY A 164 6.13 6.77 18.42
N VAL A 165 6.84 6.21 19.38
CA VAL A 165 8.29 6.06 19.33
C VAL A 165 8.61 4.61 19.04
N GLY A 166 9.41 4.37 18.01
CA GLY A 166 9.86 3.02 17.73
C GLY A 166 10.82 2.51 18.79
N GLY A 167 10.37 1.56 19.60
CA GLY A 167 11.15 1.09 20.72
C GLY A 167 12.17 0.03 20.35
N GLY A 168 12.17 -1.09 21.07
CA GLY A 168 13.07 -2.17 20.76
C GLY A 168 12.40 -3.34 20.08
N ILE A 169 11.08 -3.44 20.26
CA ILE A 169 10.24 -4.46 19.64
C ILE A 169 9.09 -3.75 18.96
N GLY A 170 8.94 -3.96 17.65
CA GLY A 170 7.80 -3.42 16.94
C GLY A 170 6.53 -4.19 17.24
N VAL A 171 5.40 -3.48 17.20
CA VAL A 171 4.09 -4.03 17.52
C VAL A 171 3.12 -3.63 16.42
N TYR A 172 2.49 -4.62 15.79
CA TYR A 172 1.31 -4.38 14.99
C TYR A 172 0.37 -5.56 15.20
N VAL A 173 -0.92 -5.31 14.99
CA VAL A 173 -1.98 -6.29 15.15
C VAL A 173 -2.61 -6.53 13.79
N ASP A 174 -2.40 -7.72 13.23
CA ASP A 174 -3.12 -8.22 12.07
C ASP A 174 -3.75 -9.56 12.42
N THR A 175 -4.35 -10.19 11.40
CA THR A 175 -5.07 -11.43 11.56
C THR A 175 -4.10 -12.59 11.78
N ASP A 176 -4.67 -13.74 12.15
CA ASP A 176 -3.86 -14.91 12.49
C ASP A 176 -3.28 -15.57 11.24
N SER A 177 -4.06 -15.58 10.14
CA SER A 177 -3.81 -16.17 8.81
C SER A 177 -3.66 -17.69 8.80
N LYS A 178 -3.92 -18.35 9.93
CA LYS A 178 -4.16 -19.79 10.04
C LYS A 178 -5.55 -20.05 10.59
N ASP A 179 -5.98 -19.22 11.54
CA ASP A 179 -7.32 -19.32 12.12
C ASP A 179 -8.29 -18.38 11.42
N SER A 180 -7.90 -17.10 11.30
CA SER A 180 -8.61 -15.99 10.65
C SER A 180 -9.97 -15.65 11.29
N THR A 181 -10.23 -16.13 12.50
CA THR A 181 -11.27 -15.59 13.37
C THR A 181 -10.65 -14.91 14.58
N ARG A 182 -9.34 -14.72 14.57
CA ARG A 182 -8.60 -14.08 15.64
C ARG A 182 -7.82 -12.89 15.11
N TYR A 183 -7.67 -11.89 15.95
CA TYR A 183 -6.65 -10.87 15.80
C TYR A 183 -5.54 -11.17 16.80
N LEU A 184 -4.30 -11.25 16.32
CA LEU A 184 -3.17 -11.48 17.20
C LEU A 184 -2.20 -10.32 17.09
N VAL A 185 -1.31 -10.23 18.06
CA VAL A 185 -0.30 -9.19 18.10
C VAL A 185 1.02 -9.80 17.64
N HIS A 186 1.81 -9.01 16.92
CA HIS A 186 3.02 -9.48 16.26
C HIS A 186 4.22 -8.69 16.75
N PHE A 187 5.28 -9.39 17.14
CA PHE A 187 6.44 -8.78 17.78
C PHE A 187 7.61 -8.82 16.79
N THR A 188 7.74 -7.75 16.01
CA THR A 188 8.74 -7.68 14.94
C THR A 188 10.13 -7.31 15.45
N GLN A 189 11.01 -6.94 14.52
CA GLN A 189 12.30 -6.36 14.85
C GLN A 189 12.31 -4.89 14.44
N SER A 190 12.62 -4.02 15.41
CA SER A 190 12.96 -2.62 15.16
C SER A 190 13.76 -2.18 16.38
N GLY A 191 15.08 -2.14 16.26
CA GLY A 191 15.87 -1.72 17.40
C GLY A 191 17.03 -0.83 16.98
N ILE A 192 17.08 -0.50 15.70
CA ILE A 192 18.22 0.18 15.11
C ILE A 192 17.76 1.47 14.47
N GLY A 193 18.67 2.43 14.37
CA GLY A 193 18.35 3.72 13.82
C GLY A 193 18.54 3.85 12.33
N LEU A 194 19.14 2.89 11.71
CA LEU A 194 19.51 2.71 10.32
C LEU A 194 18.54 1.74 9.65
N PRO A 195 18.26 1.91 8.33
CA PRO A 195 17.08 1.24 7.74
C PRO A 195 17.19 -0.26 7.54
N ASP A 196 18.39 -0.82 7.40
CA ASP A 196 18.54 -2.26 7.20
C ASP A 196 19.53 -2.82 8.21
N GLU A 197 19.68 -4.14 8.19
CA GLU A 197 20.77 -4.80 8.91
C GLU A 197 22.11 -4.54 8.24
N SER A 198 22.09 -4.30 6.92
CA SER A 198 23.26 -4.14 6.06
C SER A 198 23.86 -2.73 6.09
N TYR A 199 23.60 -1.94 7.13
CA TYR A 199 24.29 -0.67 7.33
C TYR A 199 25.32 -0.76 8.45
N TYR A 200 25.51 -1.94 9.02
CA TYR A 200 26.42 -2.13 10.14
C TYR A 200 27.54 -3.10 9.85
N ARG A 201 27.32 -4.09 8.99
CA ARG A 201 28.32 -5.09 8.66
C ARG A 201 28.77 -5.05 7.22
N ASP A 202 27.97 -4.52 6.30
CA ASP A 202 28.29 -4.51 4.88
C ASP A 202 29.31 -3.42 4.57
N GLU A 203 30.27 -3.74 3.71
CA GLU A 203 31.35 -2.82 3.35
C GLU A 203 30.93 -1.75 2.37
N GLN A 204 29.77 -1.90 1.70
CA GLN A 204 29.24 -0.83 0.87
C GLN A 204 28.75 0.33 1.74
N HIS A 205 28.09 0.01 2.85
CA HIS A 205 27.52 1.01 3.75
C HIS A 205 28.44 1.38 4.88
N ALA A 206 29.75 1.37 4.66
CA ALA A 206 30.69 1.80 5.69
C ALA A 206 30.85 3.32 5.73
N ALA A 207 30.39 4.02 4.70
CA ALA A 207 30.42 5.48 4.72
C ALA A 207 29.31 6.02 5.62
N VAL A 208 28.21 5.28 5.74
CA VAL A 208 27.08 5.72 6.56
C VAL A 208 27.40 5.52 8.04
N LEU A 209 27.93 4.35 8.41
CA LEU A 209 28.31 4.07 9.79
C LEU A 209 29.52 4.88 10.25
N ALA A 210 30.35 5.38 9.32
CA ALA A 210 31.36 6.36 9.68
C ALA A 210 30.76 7.73 9.95
N ALA A 211 29.68 8.08 9.24
CA ALA A 211 28.98 9.33 9.45
C ALA A 211 27.83 9.20 10.45
N TYR A 212 27.59 7.98 10.97
CA TYR A 212 26.52 7.79 11.96
C TYR A 212 26.80 8.45 13.32
N PRO A 213 27.90 8.16 14.05
CA PRO A 213 27.99 8.72 15.42
C PRO A 213 28.37 10.19 15.48
N GLY A 214 28.75 10.80 14.35
CA GLY A 214 28.88 12.24 14.30
C GLY A 214 27.55 12.94 14.13
N HIS A 215 26.50 12.20 13.76
CA HIS A 215 25.17 12.78 13.65
C HIS A 215 24.42 12.70 14.97
N ILE A 216 24.60 11.60 15.71
CA ILE A 216 23.94 11.43 17.00
C ILE A 216 24.56 12.35 18.05
N ALA A 217 25.87 12.61 17.94
CA ALA A 217 26.53 13.56 18.83
C ALA A 217 26.09 15.00 18.55
N ARG A 218 25.75 15.30 17.30
CA ARG A 218 25.27 16.64 16.99
C ARG A 218 23.78 16.79 17.31
N MET A 219 23.03 15.69 17.37
CA MET A 219 21.62 15.78 17.76
C MET A 219 21.48 15.83 19.28
N PHE A 220 22.34 15.10 20.00
CA PHE A 220 22.35 15.19 21.46
C PHE A 220 22.91 16.52 21.94
N GLY A 221 23.77 17.15 21.15
CA GLY A 221 24.24 18.48 21.50
C GLY A 221 23.20 19.56 21.29
N LEU A 222 22.22 19.31 20.42
CA LEU A 222 21.17 20.29 20.18
C LEU A 222 20.05 20.17 21.20
N VAL A 223 19.99 19.05 21.92
CA VAL A 223 18.97 18.87 22.94
C VAL A 223 19.48 19.36 24.30
N TYR A 224 20.57 18.78 24.77
CA TYR A 224 21.07 19.06 26.11
C TYR A 224 21.96 20.28 26.17
N GLY A 225 22.35 20.84 25.03
CA GLY A 225 23.20 22.01 25.01
C GLY A 225 24.67 21.69 25.09
N GLY A 226 25.50 22.57 24.57
CA GLY A 226 26.94 22.36 24.61
C GLY A 226 27.51 22.05 23.25
N GLU A 227 28.70 21.47 23.22
CA GLU A 227 29.38 21.12 21.98
C GLU A 227 29.33 19.63 21.75
N SER A 228 29.72 19.23 20.54
CA SER A 228 29.60 17.84 20.13
C SER A 228 30.71 16.96 20.68
N ARG A 229 31.77 17.55 21.26
CA ARG A 229 32.82 16.76 21.87
C ARG A 229 32.41 16.17 23.21
N ASP A 230 31.46 16.82 23.91
CA ASP A 230 30.92 16.25 25.14
C ASP A 230 30.04 15.05 24.84
N HIS A 231 29.32 15.09 23.72
CA HIS A 231 28.34 14.07 23.38
C HIS A 231 28.84 13.06 22.36
N ALA A 232 30.14 13.06 22.06
CA ALA A 232 30.69 12.00 21.22
C ALA A 232 30.96 10.74 22.01
N LYS A 233 31.01 10.85 23.34
CA LYS A 233 31.14 9.66 24.18
C LYS A 233 29.84 8.89 24.23
N THR A 234 28.71 9.60 24.35
CA THR A 234 27.41 8.94 24.41
C THR A 234 26.97 8.43 23.05
N ALA A 235 27.36 9.12 21.97
CA ALA A 235 26.99 8.70 20.63
C ALA A 235 27.82 7.50 20.16
N ASP A 236 28.96 7.24 20.79
CA ASP A 236 29.68 6.01 20.51
C ASP A 236 29.16 4.85 21.34
N ARG A 237 28.42 5.13 22.40
CA ARG A 237 27.76 4.06 23.16
C ARG A 237 26.47 3.63 22.48
N ILE A 238 25.90 4.50 21.66
CA ILE A 238 24.65 4.19 20.98
C ILE A 238 24.90 3.26 19.80
N VAL A 239 25.92 3.55 19.00
CA VAL A 239 26.25 2.77 17.81
C VAL A 239 26.83 1.41 18.20
N ALA A 240 27.49 1.35 19.36
CA ALA A 240 28.00 0.06 19.86
C ALA A 240 26.89 -0.80 20.45
N LEU A 241 25.72 -0.24 20.70
CA LEU A 241 24.58 -1.05 21.11
C LEU A 241 23.68 -1.39 19.93
N GLU A 242 23.59 -0.51 18.93
CA GLU A 242 22.79 -0.83 17.74
C GLU A 242 23.51 -1.82 16.83
N THR A 243 24.84 -1.90 16.91
CA THR A 243 25.56 -2.95 16.20
C THR A 243 25.32 -4.30 16.86
N LYS A 244 25.23 -4.31 18.19
CA LYS A 244 24.90 -5.53 18.92
C LYS A 244 23.44 -5.92 18.78
N LEU A 245 22.57 -4.98 18.41
CA LEU A 245 21.17 -5.32 18.16
C LEU A 245 20.96 -5.79 16.73
N ALA A 246 21.71 -5.23 15.78
CA ALA A 246 21.64 -5.68 14.38
C ALA A 246 22.50 -6.91 14.11
N ASP A 247 23.15 -7.47 15.12
CA ASP A 247 23.77 -8.79 14.97
C ASP A 247 22.72 -9.89 14.95
N ALA A 248 21.53 -9.63 15.51
CA ALA A 248 20.47 -10.62 15.57
C ALA A 248 19.26 -10.22 14.73
N HIS A 249 19.38 -9.14 13.95
CA HIS A 249 18.38 -8.82 12.94
C HIS A 249 18.41 -9.84 11.80
N TRP A 250 17.22 -10.17 11.32
CA TRP A 250 17.09 -11.05 10.18
C TRP A 250 17.33 -10.28 8.89
N ASP A 251 17.68 -11.01 7.84
CA ASP A 251 17.93 -10.42 6.53
C ASP A 251 16.61 -10.08 5.84
N VAL A 252 16.72 -9.43 4.68
CA VAL A 252 15.52 -9.10 3.91
C VAL A 252 14.95 -10.35 3.25
N VAL A 253 15.82 -11.25 2.79
CA VAL A 253 15.36 -12.49 2.15
C VAL A 253 14.93 -13.55 3.14
N LYS A 254 15.22 -13.37 4.44
CA LYS A 254 14.71 -14.26 5.46
C LYS A 254 13.40 -13.74 6.05
N ARG A 255 13.13 -12.44 5.95
CA ARG A 255 11.95 -11.85 6.55
C ARG A 255 10.70 -12.08 5.72
N ARG A 256 10.86 -12.33 4.42
CA ARG A 256 9.70 -12.57 3.57
C ARG A 256 9.24 -14.02 3.60
N ASP A 257 10.06 -14.94 4.10
CA ASP A 257 9.67 -16.34 4.23
C ASP A 257 8.71 -16.49 5.40
N ALA A 258 7.46 -16.84 5.09
CA ALA A 258 6.39 -16.89 6.09
C ALA A 258 6.34 -18.18 6.88
N ASP A 259 7.26 -19.12 6.64
CA ASP A 259 7.29 -20.33 7.45
C ASP A 259 7.98 -20.09 8.79
N LEU A 260 9.04 -19.28 8.80
CA LEU A 260 9.69 -18.88 10.03
C LEU A 260 9.19 -17.55 10.56
N GLY A 261 8.32 -16.85 9.82
CA GLY A 261 7.74 -15.61 10.28
C GLY A 261 6.38 -15.79 10.94
N TYR A 262 6.10 -17.01 11.38
CA TYR A 262 4.89 -17.33 12.14
C TYR A 262 5.34 -18.28 13.26
N ASN A 263 5.49 -17.74 14.46
CA ASN A 263 5.89 -18.52 15.63
C ASN A 263 4.95 -18.17 16.76
N LEU A 264 3.86 -18.94 16.88
CA LEU A 264 2.82 -18.66 17.85
C LEU A 264 3.29 -19.05 19.25
N ARG A 265 3.33 -18.07 20.15
CA ARG A 265 3.77 -18.28 21.51
C ARG A 265 2.68 -17.83 22.48
N THR A 266 2.62 -18.51 23.62
CA THR A 266 1.84 -18.03 24.74
C THR A 266 2.61 -16.90 25.42
N PHE A 267 1.88 -16.03 26.13
CA PHE A 267 2.52 -14.94 26.86
C PHE A 267 3.31 -15.45 28.07
N ALA A 268 2.94 -16.61 28.62
CA ALA A 268 3.77 -17.25 29.62
C ALA A 268 5.03 -17.84 29.02
N GLN A 269 4.97 -18.24 27.74
CA GLN A 269 6.16 -18.73 27.06
C GLN A 269 7.09 -17.60 26.65
N LEU A 270 6.55 -16.39 26.46
CA LEU A 270 7.36 -15.26 26.01
C LEU A 270 8.25 -14.72 27.11
N GLN A 271 7.78 -14.77 28.36
CA GLN A 271 8.58 -14.32 29.49
C GLN A 271 9.70 -15.30 29.81
N THR A 272 9.48 -16.59 29.54
CA THR A 272 10.55 -17.56 29.68
C THR A 272 11.49 -17.55 28.49
N GLU A 273 11.05 -17.04 27.34
CA GLU A 273 11.92 -16.94 26.18
C GLU A 273 12.82 -15.71 26.30
N GLY A 274 12.22 -14.54 26.43
CA GLY A 274 12.96 -13.31 26.58
C GLY A 274 13.19 -12.91 28.03
N ALA A 275 13.95 -13.72 28.77
CA ALA A 275 14.19 -13.47 30.18
C ALA A 275 15.24 -12.39 30.33
N GLY A 276 14.85 -11.24 30.90
CA GLY A 276 15.72 -10.10 31.03
C GLY A 276 14.99 -8.82 30.66
N PHE A 277 13.80 -8.99 30.09
CA PHE A 277 12.87 -7.90 29.82
C PHE A 277 11.65 -8.10 30.70
N ASP A 278 11.13 -7.01 31.25
CA ASP A 278 9.85 -7.06 31.94
C ASP A 278 8.76 -6.79 30.91
N TRP A 279 8.13 -7.87 30.45
CA TRP A 279 7.15 -7.73 29.38
C TRP A 279 5.79 -7.30 29.89
N VAL A 280 5.51 -7.46 31.19
CA VAL A 280 4.18 -7.18 31.73
C VAL A 280 3.96 -5.68 31.85
N SER A 281 4.95 -4.96 32.38
CA SER A 281 4.83 -3.51 32.49
C SER A 281 5.07 -2.81 31.17
N TRP A 282 5.62 -3.51 30.19
CA TRP A 282 5.75 -2.94 28.85
C TRP A 282 4.40 -2.90 28.15
N VAL A 283 3.66 -4.01 28.15
CA VAL A 283 2.39 -4.05 27.42
C VAL A 283 1.26 -3.37 28.18
N THR A 284 1.43 -3.14 29.49
CA THR A 284 0.44 -2.38 30.24
C THR A 284 0.52 -0.91 29.88
N ALA A 285 1.75 -0.38 29.74
CA ALA A 285 1.96 0.98 29.29
C ALA A 285 1.63 1.17 27.81
N LEU A 286 1.65 0.09 27.02
CA LEU A 286 1.14 0.15 25.66
C LEU A 286 -0.36 0.38 25.63
N GLY A 287 -1.08 -0.19 26.59
CA GLY A 287 -2.52 -0.07 26.60
C GLY A 287 -3.24 -1.39 26.47
N SER A 288 -2.64 -2.44 27.01
CA SER A 288 -3.20 -3.78 26.97
C SER A 288 -2.82 -4.50 28.26
N ALA A 289 -2.90 -5.81 28.25
CA ALA A 289 -2.67 -6.62 29.44
C ALA A 289 -2.21 -7.99 29.00
N PRO A 290 -1.53 -8.75 29.87
CA PRO A 290 -1.24 -10.16 29.55
C PRO A 290 -2.47 -11.07 29.50
N ASP A 291 -3.61 -10.66 30.07
CA ASP A 291 -4.86 -11.38 29.87
C ASP A 291 -5.67 -10.82 28.70
N ALA A 292 -5.08 -9.91 27.92
CA ALA A 292 -5.72 -9.41 26.71
C ALA A 292 -4.97 -9.81 25.44
N MET A 293 -3.72 -10.27 25.54
CA MET A 293 -3.02 -10.93 24.44
C MET A 293 -2.46 -12.23 25.03
N THR A 294 -3.31 -13.26 25.06
CA THR A 294 -2.91 -14.51 25.69
C THR A 294 -2.11 -15.40 24.75
N GLU A 295 -2.20 -15.19 23.45
CA GLU A 295 -1.38 -15.88 22.48
C GLU A 295 -0.90 -14.87 21.45
N LEU A 296 0.33 -15.06 21.00
CA LEU A 296 0.97 -14.05 20.17
C LEU A 296 2.01 -14.68 19.27
N VAL A 297 2.31 -14.00 18.17
CA VAL A 297 3.22 -14.49 17.15
C VAL A 297 4.50 -13.66 17.19
N VAL A 298 5.61 -14.31 17.52
CA VAL A 298 6.92 -13.66 17.51
C VAL A 298 7.49 -13.80 16.11
N ARG A 299 7.60 -12.68 15.39
CA ARG A 299 7.99 -12.71 13.99
C ARG A 299 9.47 -12.99 13.78
N GLN A 300 10.32 -12.67 14.76
CA GLN A 300 11.74 -12.93 14.68
C GLN A 300 12.17 -13.45 16.05
N PRO A 301 12.12 -14.77 16.25
CA PRO A 301 12.25 -15.29 17.61
C PRO A 301 13.67 -15.31 18.15
N ASP A 302 14.69 -15.41 17.29
CA ASP A 302 16.06 -15.38 17.82
C ASP A 302 16.56 -13.96 18.03
N TYR A 303 15.85 -12.97 17.48
CA TYR A 303 16.14 -11.58 17.80
C TYR A 303 15.67 -11.24 19.20
N LEU A 304 14.55 -11.84 19.63
CA LEU A 304 13.93 -11.45 20.89
C LEU A 304 14.62 -12.11 22.08
N VAL A 305 15.37 -13.19 21.83
CA VAL A 305 16.15 -13.78 22.92
C VAL A 305 17.37 -12.93 23.26
N THR A 306 18.10 -12.45 22.24
CA THR A 306 19.30 -11.65 22.49
C THR A 306 18.99 -10.24 22.95
N PHE A 307 17.92 -9.62 22.44
CA PHE A 307 17.53 -8.27 22.82
C PHE A 307 17.11 -8.18 24.29
N ALA A 308 16.40 -9.20 24.77
CA ALA A 308 16.12 -9.24 26.21
C ALA A 308 17.32 -9.72 27.00
N SER A 309 18.26 -10.43 26.35
CA SER A 309 19.53 -10.71 27.03
C SER A 309 20.42 -9.48 27.04
N LEU A 310 20.30 -8.61 26.05
CA LEU A 310 21.06 -7.37 26.06
C LEU A 310 20.44 -6.33 26.99
N TRP A 311 19.18 -6.50 27.36
CA TRP A 311 18.53 -5.59 28.31
C TRP A 311 19.03 -5.81 29.73
N ALA A 312 19.56 -6.99 30.02
CA ALA A 312 20.04 -7.30 31.37
C ALA A 312 21.56 -7.40 31.48
N SER A 313 22.27 -7.48 30.36
CA SER A 313 23.73 -7.60 30.38
C SER A 313 24.44 -6.30 30.07
N VAL A 314 23.95 -5.50 29.12
CA VAL A 314 24.46 -4.16 28.92
C VAL A 314 23.99 -3.29 30.07
N ASN A 315 24.88 -2.41 30.56
CA ASN A 315 24.58 -1.49 31.65
C ASN A 315 23.48 -0.52 31.27
N VAL A 316 22.62 -0.19 32.25
CA VAL A 316 21.38 0.53 31.98
C VAL A 316 21.58 2.01 31.67
N GLU A 317 22.78 2.56 31.90
CA GLU A 317 23.05 3.90 31.42
C GLU A 317 23.32 3.91 29.92
N ASP A 318 23.82 2.80 29.39
CA ASP A 318 24.00 2.69 27.94
C ASP A 318 22.66 2.51 27.24
N TRP A 319 21.72 1.82 27.90
CA TRP A 319 20.38 1.66 27.36
C TRP A 319 19.58 2.94 27.45
N LYS A 320 19.86 3.78 28.45
CA LYS A 320 19.07 4.99 28.63
C LYS A 320 19.47 6.08 27.66
N CYS A 321 20.76 6.16 27.29
CA CYS A 321 21.15 7.06 26.21
C CYS A 321 20.75 6.52 24.85
N TRP A 322 20.59 5.20 24.74
CA TRP A 322 19.99 4.60 23.56
C TRP A 322 18.51 4.94 23.46
N ALA A 323 17.79 4.81 24.58
CA ALA A 323 16.36 5.12 24.62
C ALA A 323 16.10 6.62 24.54
N ARG A 324 17.08 7.44 24.93
CA ARG A 324 17.01 8.87 24.64
C ARG A 324 17.08 9.13 23.14
N TRP A 325 17.89 8.34 22.43
CA TRP A 325 18.06 8.58 21.00
C TRP A 325 16.87 8.07 20.20
N ARG A 326 16.19 7.02 20.68
CA ARG A 326 14.94 6.58 20.07
C ARG A 326 13.85 7.62 20.25
N LEU A 327 13.87 8.35 21.36
CA LEU A 327 12.93 9.44 21.55
C LEU A 327 13.31 10.66 20.71
N ILE A 328 14.61 10.93 20.54
CA ILE A 328 15.05 12.15 19.87
C ILE A 328 14.82 12.07 18.37
N ARG A 329 15.18 10.95 17.74
CA ARG A 329 15.04 10.86 16.29
C ARG A 329 13.61 10.56 15.86
N ALA A 330 12.75 10.10 16.78
CA ALA A 330 11.33 9.97 16.44
C ALA A 330 10.65 11.34 16.48
N ARG A 331 10.91 12.12 17.52
CA ARG A 331 10.31 13.43 17.69
C ARG A 331 11.08 14.54 17.00
N ALA A 332 12.12 14.21 16.23
CA ALA A 332 12.83 15.20 15.44
C ALA A 332 12.05 15.97 14.37
N PRO A 333 11.03 15.44 13.64
CA PRO A 333 10.26 16.35 12.79
C PRO A 333 9.22 17.17 13.51
N TRP A 334 8.98 16.94 14.80
CA TRP A 334 7.95 17.62 15.56
C TRP A 334 8.57 18.49 16.65
N LEU A 335 9.70 19.11 16.33
CA LEU A 335 10.43 19.95 17.26
C LEU A 335 10.95 21.15 16.47
N THR A 336 11.93 21.86 17.03
CA THR A 336 12.40 23.12 16.48
C THR A 336 13.26 22.90 15.23
N ARG A 337 13.60 24.01 14.57
CA ARG A 337 14.29 23.99 13.28
C ARG A 337 15.75 23.57 13.40
N ALA A 338 16.32 23.60 14.60
CA ALA A 338 17.63 23.00 14.82
C ALA A 338 17.58 21.49 14.74
N LEU A 339 16.45 20.89 15.12
CA LEU A 339 16.36 19.42 15.13
C LEU A 339 15.62 18.89 13.90
N VAL A 340 14.81 19.73 13.25
CA VAL A 340 14.17 19.33 12.01
C VAL A 340 15.20 19.26 10.89
N ALA A 341 16.05 20.28 10.78
CA ALA A 341 16.96 20.39 9.65
C ALA A 341 18.16 19.45 9.79
N GLU A 342 18.65 19.26 11.01
CA GLU A 342 19.85 18.45 11.21
C GLU A 342 19.57 16.96 11.09
N ASP A 343 18.36 16.53 11.46
CA ASP A 343 17.94 15.15 11.25
C ASP A 343 17.69 14.85 9.78
N PHE A 344 17.44 15.88 8.97
CA PHE A 344 17.33 15.67 7.53
C PHE A 344 18.70 15.43 6.89
N GLU A 345 19.77 16.00 7.46
CA GLU A 345 21.10 15.89 6.87
C GLU A 345 21.71 14.50 7.00
N PHE A 346 21.18 13.64 7.87
CA PHE A 346 21.57 12.23 7.86
C PHE A 346 20.52 11.36 7.18
N TYR A 347 19.25 11.65 7.41
CA TYR A 347 18.20 10.73 6.97
C TYR A 347 17.63 11.08 5.61
N GLY A 348 17.94 12.24 5.06
CA GLY A 348 17.51 12.55 3.72
C GLY A 348 18.64 12.86 2.76
N ARG A 349 19.75 13.37 3.29
CA ARG A 349 20.88 13.74 2.43
C ARG A 349 21.92 12.64 2.39
N THR A 350 22.26 12.08 3.55
CA THR A 350 23.26 11.00 3.58
C THR A 350 22.66 9.69 3.11
N LEU A 351 21.49 9.33 3.63
CA LEU A 351 20.90 8.04 3.30
C LEU A 351 20.21 8.06 1.93
N THR A 352 19.18 8.89 1.78
CA THR A 352 18.39 8.87 0.55
C THR A 352 18.93 9.80 -0.52
N GLY A 353 19.72 10.80 -0.17
CA GLY A 353 20.25 11.71 -1.16
C GLY A 353 19.23 12.72 -1.66
N ALA A 354 18.65 13.50 -0.76
CA ALA A 354 17.73 14.57 -1.13
C ALA A 354 18.42 15.91 -0.92
N GLN A 355 18.28 16.81 -1.91
CA GLN A 355 19.03 18.05 -1.88
C GLN A 355 18.35 19.12 -1.03
N GLN A 356 17.02 19.09 -0.94
CA GLN A 356 16.28 20.01 -0.10
C GLN A 356 15.26 19.25 0.72
N LEU A 357 14.94 19.79 1.89
CA LEU A 357 13.92 19.23 2.76
C LEU A 357 12.54 19.44 2.14
N ARG A 358 11.61 18.54 2.47
CA ARG A 358 10.22 18.69 2.08
C ARG A 358 9.59 19.88 2.81
N ASP A 359 8.49 20.38 2.25
CA ASP A 359 7.85 21.57 2.79
C ASP A 359 7.07 21.24 4.06
N ARG A 360 6.60 22.30 4.72
CA ARG A 360 5.84 22.13 5.94
C ARG A 360 4.43 21.61 5.67
N TRP A 361 3.91 21.87 4.47
CA TRP A 361 2.60 21.32 4.13
C TRP A 361 2.69 19.88 3.61
N LYS A 362 3.83 19.47 3.07
CA LYS A 362 3.98 18.08 2.62
C LYS A 362 4.12 17.14 3.79
N ARG A 363 4.74 17.60 4.87
CA ARG A 363 4.77 16.81 6.09
C ARG A 363 3.58 17.09 6.97
N GLY A 364 2.81 18.14 6.66
CA GLY A 364 1.62 18.42 7.43
C GLY A 364 0.46 17.52 7.06
N VAL A 365 0.28 17.27 5.76
CA VAL A 365 -0.73 16.33 5.28
C VAL A 365 -0.33 14.91 5.65
N SER A 366 0.97 14.61 5.63
CA SER A 366 1.45 13.28 5.98
C SER A 366 1.41 13.01 7.47
N LEU A 367 1.28 14.06 8.29
CA LEU A 367 1.03 13.88 9.71
C LEU A 367 -0.44 13.56 9.96
N VAL A 368 -1.34 14.22 9.23
CA VAL A 368 -2.78 13.99 9.37
C VAL A 368 -3.16 12.62 8.81
N GLU A 369 -2.55 12.23 7.68
CA GLU A 369 -2.85 10.95 7.03
C GLU A 369 -2.34 9.77 7.85
N ASN A 370 -1.22 9.97 8.56
CA ASN A 370 -0.71 8.89 9.41
C ASN A 370 -1.50 8.79 10.70
N LEU A 371 -1.91 9.91 11.28
CA LEU A 371 -2.62 9.89 12.55
C LEU A 371 -4.12 9.62 12.40
N MET A 372 -4.77 10.33 11.48
CA MET A 372 -6.20 10.15 11.24
C MET A 372 -6.43 9.93 9.74
N GLY A 373 -6.31 8.67 9.31
CA GLY A 373 -6.55 8.37 7.91
C GLY A 373 -8.01 8.15 7.60
N ASP A 374 -8.78 7.68 8.58
CA ASP A 374 -10.21 7.49 8.37
C ASP A 374 -10.99 8.79 8.52
N ALA A 375 -10.50 9.73 9.33
CA ALA A 375 -11.17 11.02 9.45
C ALA A 375 -10.97 11.86 8.21
N VAL A 376 -9.81 11.75 7.58
CA VAL A 376 -9.62 12.36 6.27
C VAL A 376 -10.17 11.45 5.18
N GLY A 377 -10.44 10.18 5.50
CA GLY A 377 -11.09 9.28 4.57
C GLY A 377 -12.58 9.51 4.50
N LYS A 378 -13.20 9.82 5.65
CA LYS A 378 -14.63 10.07 5.71
C LYS A 378 -15.01 11.38 5.04
N LEU A 379 -14.16 12.39 5.13
CA LEU A 379 -14.48 13.64 4.47
C LEU A 379 -14.06 13.65 3.01
N TYR A 380 -13.21 12.72 2.58
CA TYR A 380 -12.92 12.58 1.16
C TYR A 380 -14.09 11.95 0.41
N VAL A 381 -14.84 11.08 1.09
CA VAL A 381 -15.96 10.39 0.45
C VAL A 381 -17.30 11.04 0.77
N GLN A 382 -17.34 12.10 1.54
CA GLN A 382 -18.55 12.89 1.59
C GLN A 382 -18.49 14.05 0.61
N ARG A 383 -17.40 14.17 -0.13
CA ARG A 383 -17.24 15.19 -1.17
C ARG A 383 -16.99 14.61 -2.54
N HIS A 384 -16.16 13.58 -2.66
CA HIS A 384 -15.72 13.09 -3.97
C HIS A 384 -16.27 11.73 -4.34
N PHE A 385 -16.81 10.97 -3.39
CA PHE A 385 -17.46 9.69 -3.69
C PHE A 385 -18.78 9.58 -2.93
N PRO A 386 -19.83 10.28 -3.40
CA PRO A 386 -21.11 10.35 -2.67
C PRO A 386 -21.86 9.03 -2.77
N PRO A 387 -22.86 8.77 -1.89
CA PRO A 387 -23.51 7.44 -1.91
C PRO A 387 -24.39 7.14 -3.10
N ASP A 388 -24.66 8.09 -4.01
CA ASP A 388 -25.18 7.74 -5.32
C ASP A 388 -24.10 7.13 -6.22
N ALA A 389 -22.84 7.49 -5.99
CA ALA A 389 -21.74 6.87 -6.73
C ALA A 389 -21.25 5.60 -6.06
N LYS A 390 -21.53 5.42 -4.76
CA LYS A 390 -21.23 4.16 -4.13
C LYS A 390 -22.26 3.10 -4.50
N SER A 391 -23.53 3.49 -4.58
CA SER A 391 -24.58 2.53 -4.92
C SER A 391 -24.58 2.20 -6.41
N ARG A 392 -23.96 3.06 -7.23
CA ARG A 392 -23.76 2.74 -8.63
C ARG A 392 -22.70 1.66 -8.81
N ILE A 393 -21.64 1.69 -7.98
CA ILE A 393 -20.54 0.76 -8.15
C ILE A 393 -20.83 -0.59 -7.49
N ASP A 394 -21.84 -0.70 -6.62
CA ASP A 394 -22.16 -2.03 -6.08
C ASP A 394 -22.90 -2.90 -7.09
N THR A 395 -23.65 -2.28 -8.01
CA THR A 395 -24.29 -3.05 -9.07
C THR A 395 -23.27 -3.52 -10.09
N LEU A 396 -22.22 -2.73 -10.33
CA LEU A 396 -21.22 -3.04 -11.35
C LEU A 396 -20.34 -4.20 -10.93
N VAL A 397 -19.99 -4.29 -9.64
CA VAL A 397 -19.25 -5.46 -9.17
C VAL A 397 -20.17 -6.68 -9.07
N ASP A 398 -21.47 -6.45 -8.84
CA ASP A 398 -22.42 -7.57 -8.80
C ASP A 398 -22.71 -8.11 -10.18
N ASN A 399 -22.61 -7.27 -11.21
CA ASN A 399 -22.71 -7.77 -12.58
C ASN A 399 -21.41 -8.44 -13.02
N LEU A 400 -20.27 -7.95 -12.54
CA LEU A 400 -18.99 -8.61 -12.78
C LEU A 400 -18.91 -9.95 -12.06
N GLN A 401 -19.55 -10.06 -10.89
CA GLN A 401 -19.61 -11.34 -10.21
C GLN A 401 -20.68 -12.26 -10.79
N GLU A 402 -21.58 -11.71 -11.61
CA GLU A 402 -22.56 -12.54 -12.29
C GLU A 402 -22.01 -13.03 -13.63
N ALA A 403 -21.17 -12.22 -14.28
CA ALA A 403 -20.54 -12.65 -15.52
C ALA A 403 -19.45 -13.68 -15.25
N TYR A 404 -18.85 -13.67 -14.06
CA TYR A 404 -17.92 -14.72 -13.71
C TYR A 404 -18.64 -15.98 -13.29
N ARG A 405 -19.93 -15.89 -12.93
CA ARG A 405 -20.69 -17.07 -12.62
C ARG A 405 -21.20 -17.75 -13.89
N ILE A 406 -21.45 -16.96 -14.92
CA ILE A 406 -21.93 -17.51 -16.19
C ILE A 406 -20.77 -18.15 -16.96
N SER A 407 -19.66 -17.42 -17.10
CA SER A 407 -18.54 -17.83 -17.94
C SER A 407 -17.76 -19.00 -17.37
N ILE A 408 -17.81 -19.22 -16.06
CA ILE A 408 -17.19 -20.40 -15.49
C ILE A 408 -18.05 -21.63 -15.78
N SER A 409 -19.38 -21.47 -15.75
CA SER A 409 -20.28 -22.61 -15.97
C SER A 409 -20.34 -23.06 -17.42
N GLU A 410 -20.17 -22.14 -18.37
CA GLU A 410 -20.17 -22.50 -19.78
C GLU A 410 -18.76 -22.75 -20.32
N LEU A 411 -17.78 -22.94 -19.45
CA LEU A 411 -16.39 -22.99 -19.87
C LEU A 411 -16.01 -24.38 -20.39
N ASP A 412 -15.11 -24.39 -21.37
CA ASP A 412 -14.70 -25.60 -22.06
C ASP A 412 -13.33 -26.12 -21.65
N TRP A 413 -12.37 -25.24 -21.35
CA TRP A 413 -11.01 -25.70 -21.18
C TRP A 413 -10.69 -26.24 -19.79
N MET A 414 -11.65 -26.23 -18.86
CA MET A 414 -11.35 -26.77 -17.54
C MET A 414 -12.29 -27.92 -17.20
N THR A 415 -11.88 -28.67 -16.18
CA THR A 415 -12.56 -29.88 -15.76
C THR A 415 -13.87 -29.49 -15.05
N PRO A 416 -14.98 -30.19 -15.35
CA PRO A 416 -16.25 -29.90 -14.64
C PRO A 416 -16.24 -30.23 -13.16
N GLN A 417 -15.32 -31.07 -12.69
CA GLN A 417 -15.12 -31.20 -11.25
C GLN A 417 -14.42 -29.96 -10.68
N THR A 418 -13.50 -29.35 -11.43
CA THR A 418 -12.89 -28.10 -10.99
C THR A 418 -13.63 -26.86 -11.45
N ARG A 419 -14.62 -27.01 -12.32
CA ARG A 419 -15.51 -25.90 -12.64
C ARG A 419 -16.44 -25.59 -11.46
N GLN A 420 -16.86 -26.63 -10.74
CA GLN A 420 -17.64 -26.42 -9.51
C GLN A 420 -16.77 -25.90 -8.37
N ARG A 421 -15.46 -26.12 -8.43
CA ARG A 421 -14.56 -25.52 -7.44
C ARG A 421 -14.37 -24.04 -7.70
N ALA A 422 -14.49 -23.61 -8.96
CA ALA A 422 -14.36 -22.19 -9.28
C ALA A 422 -15.64 -21.44 -8.95
N LEU A 423 -16.77 -22.13 -8.85
CA LEU A 423 -17.99 -21.49 -8.42
C LEU A 423 -18.07 -21.40 -6.91
N ALA A 424 -17.35 -22.29 -6.22
CA ALA A 424 -17.30 -22.22 -4.76
C ALA A 424 -16.37 -21.12 -4.27
N LYS A 425 -15.45 -20.68 -5.12
CA LYS A 425 -14.58 -19.56 -4.76
C LYS A 425 -15.27 -18.22 -4.99
N LEU A 426 -16.07 -18.13 -6.05
CA LEU A 426 -16.81 -16.90 -6.34
C LEU A 426 -18.00 -16.71 -5.41
N ASN A 427 -18.50 -17.79 -4.79
CA ASN A 427 -19.52 -17.64 -3.76
C ASN A 427 -18.93 -17.14 -2.46
N LYS A 428 -17.64 -17.40 -2.22
CA LYS A 428 -16.93 -16.88 -1.06
C LYS A 428 -16.20 -15.57 -1.37
N PHE A 429 -16.55 -14.91 -2.45
CA PHE A 429 -15.85 -13.73 -2.90
C PHE A 429 -16.47 -12.48 -2.28
N THR A 430 -15.63 -11.66 -1.67
CA THR A 430 -16.01 -10.37 -1.14
C THR A 430 -15.42 -9.27 -2.02
N ALA A 431 -15.88 -8.04 -1.80
CA ALA A 431 -15.41 -6.93 -2.60
C ALA A 431 -15.40 -5.68 -1.73
N LYS A 432 -14.21 -5.24 -1.33
CA LYS A 432 -14.03 -4.03 -0.55
C LYS A 432 -13.90 -2.86 -1.52
N VAL A 433 -15.04 -2.39 -2.02
CA VAL A 433 -15.09 -1.33 -3.02
C VAL A 433 -15.70 -0.09 -2.38
N GLY A 434 -15.07 1.06 -2.61
CA GLY A 434 -15.64 2.34 -2.22
C GLY A 434 -15.07 2.93 -0.94
N TYR A 435 -15.87 2.90 0.12
CA TYR A 435 -15.49 3.28 1.47
C TYR A 435 -15.94 2.14 2.38
N PRO A 436 -15.45 2.08 3.61
CA PRO A 436 -15.97 1.08 4.56
C PRO A 436 -17.42 1.32 4.95
N ILE A 437 -18.06 0.24 5.41
CA ILE A 437 -19.43 0.33 5.89
C ILE A 437 -19.50 0.95 7.28
N LYS A 438 -18.41 0.92 8.04
CA LYS A 438 -18.32 1.60 9.31
C LYS A 438 -16.97 2.27 9.43
N TRP A 439 -16.96 3.46 10.00
CA TRP A 439 -15.72 4.21 10.17
C TRP A 439 -15.11 3.89 11.53
N ARG A 440 -13.91 4.42 11.76
CA ARG A 440 -13.24 4.25 13.03
C ARG A 440 -13.50 5.46 13.91
N ASP A 441 -13.70 5.22 15.20
CA ASP A 441 -14.14 6.26 16.12
C ASP A 441 -12.94 6.98 16.70
N TYR A 442 -12.87 8.29 16.46
CA TYR A 442 -11.84 9.14 17.02
C TYR A 442 -12.36 10.00 18.17
N SER A 443 -13.41 9.55 18.86
CA SER A 443 -14.03 10.34 19.90
C SER A 443 -13.26 10.33 21.22
N LYS A 444 -12.26 9.47 21.37
CA LYS A 444 -11.40 9.46 22.54
C LYS A 444 -10.16 10.33 22.37
N LEU A 445 -10.18 11.27 21.43
CA LEU A 445 -8.99 11.99 21.00
C LEU A 445 -9.21 13.49 21.12
N ALA A 446 -8.31 14.16 21.81
CA ALA A 446 -8.34 15.61 21.96
C ALA A 446 -7.20 16.21 21.17
N ILE A 447 -7.51 17.18 20.30
CA ILE A 447 -6.52 17.84 19.47
C ILE A 447 -6.53 19.33 19.81
N ASP A 448 -5.40 19.83 20.32
CA ASP A 448 -5.23 21.23 20.67
C ASP A 448 -4.48 21.92 19.55
N ARG A 449 -4.93 23.13 19.19
CA ARG A 449 -4.34 23.86 18.07
C ARG A 449 -3.03 24.55 18.41
N ASP A 450 -2.67 24.65 19.69
CA ASP A 450 -1.48 25.39 20.10
C ASP A 450 -0.42 24.48 20.70
N ASP A 451 -0.47 23.18 20.40
CA ASP A 451 0.45 22.22 21.00
C ASP A 451 0.64 21.08 20.01
N LEU A 452 1.70 21.18 19.19
CA LEU A 452 1.95 20.16 18.17
C LEU A 452 2.49 18.87 18.78
N TYR A 453 3.29 18.99 19.85
CA TYR A 453 3.90 17.83 20.46
C TYR A 453 2.89 17.00 21.26
N GLY A 454 1.87 17.65 21.80
CA GLY A 454 0.87 16.91 22.55
C GLY A 454 -0.13 16.21 21.65
N ASN A 455 -0.38 16.76 20.47
CA ASN A 455 -1.30 16.13 19.53
C ASN A 455 -0.71 14.87 18.92
N VAL A 456 0.59 14.89 18.66
CA VAL A 456 1.30 13.72 18.17
C VAL A 456 1.41 12.66 19.25
N GLN A 457 1.51 13.09 20.51
CA GLN A 457 1.46 12.16 21.64
C GLN A 457 0.07 11.56 21.83
N ARG A 458 -0.98 12.28 21.45
CA ARG A 458 -2.33 11.79 21.63
C ARG A 458 -2.91 11.16 20.38
N GLY A 459 -2.46 11.62 19.20
CA GLY A 459 -2.92 11.00 17.96
C GLY A 459 -2.29 9.64 17.72
N TYR A 460 -1.03 9.46 18.14
CA TYR A 460 -0.41 8.15 18.07
C TYR A 460 -0.93 7.23 19.16
N ALA A 461 -1.49 7.78 20.24
CA ALA A 461 -2.02 6.95 21.30
C ALA A 461 -3.45 6.53 21.03
N VAL A 462 -4.19 7.28 20.20
CA VAL A 462 -5.54 6.87 19.87
C VAL A 462 -5.52 5.90 18.69
N ASN A 463 -4.41 5.86 17.94
CA ASN A 463 -4.24 4.81 16.94
C ASN A 463 -3.76 3.53 17.60
N HIS A 464 -2.89 3.65 18.60
CA HIS A 464 -2.37 2.47 19.27
C HIS A 464 -3.39 1.84 20.21
N ASP A 465 -4.31 2.64 20.74
CA ASP A 465 -5.37 2.05 21.57
C ASP A 465 -6.45 1.41 20.72
N ARG A 466 -6.56 1.80 19.46
CA ARG A 466 -7.59 1.24 18.60
C ARG A 466 -7.19 -0.13 18.07
N GLU A 467 -5.96 -0.28 17.58
CA GLU A 467 -5.47 -1.56 17.08
C GLU A 467 -5.22 -2.56 18.21
N LEU A 468 -5.03 -2.10 19.43
CA LEU A 468 -4.89 -3.03 20.55
C LEU A 468 -6.23 -3.31 21.23
N ALA A 469 -7.31 -2.71 20.77
CA ALA A 469 -8.66 -3.07 21.18
C ALA A 469 -9.29 -4.08 20.23
N LYS A 470 -8.59 -4.46 19.16
CA LYS A 470 -9.08 -5.47 18.24
C LYS A 470 -8.96 -6.88 18.80
N LEU A 471 -8.16 -7.07 19.86
CA LEU A 471 -7.93 -8.39 20.44
C LEU A 471 -9.12 -8.91 21.22
N PHE A 472 -10.10 -8.08 21.56
CA PHE A 472 -11.27 -8.52 22.31
C PHE A 472 -12.30 -9.16 21.38
N GLY A 473 -12.76 -8.42 20.38
CA GLY A 473 -13.71 -8.95 19.43
C GLY A 473 -13.04 -9.76 18.35
N PRO A 474 -13.86 -10.43 17.53
CA PRO A 474 -13.33 -11.20 16.41
C PRO A 474 -13.00 -10.31 15.22
N VAL A 475 -12.63 -10.96 14.12
CA VAL A 475 -12.20 -10.26 12.90
C VAL A 475 -13.42 -9.64 12.23
N ASP A 476 -13.30 -8.36 11.86
CA ASP A 476 -14.38 -7.66 11.17
C ASP A 476 -14.56 -8.19 9.75
N ARG A 477 -13.43 -8.47 9.07
CA ARG A 477 -13.28 -8.85 7.65
C ARG A 477 -13.81 -7.79 6.68
N ASP A 478 -13.98 -6.56 7.14
CA ASP A 478 -14.21 -5.37 6.31
C ASP A 478 -13.44 -4.22 6.93
N GLU A 479 -12.21 -4.51 7.36
CA GLU A 479 -11.47 -3.63 8.25
C GLU A 479 -10.79 -2.49 7.51
N TRP A 480 -10.50 -2.68 6.20
CA TRP A 480 -9.98 -1.66 5.26
C TRP A 480 -8.63 -1.10 5.72
N PHE A 481 -7.60 -1.93 5.58
CA PHE A 481 -6.23 -1.59 5.99
C PHE A 481 -5.61 -0.46 5.18
N MET A 482 -6.14 -0.08 4.03
CA MET A 482 -5.83 1.19 3.41
C MET A 482 -7.03 2.11 3.48
N THR A 483 -6.75 3.40 3.62
CA THR A 483 -7.75 4.44 3.69
C THR A 483 -8.35 4.68 2.31
N PRO A 484 -9.59 5.24 2.21
CA PRO A 484 -10.16 5.51 0.88
C PRO A 484 -9.66 6.74 0.14
N GLN A 485 -8.35 6.96 0.11
CA GLN A 485 -7.75 7.92 -0.80
C GLN A 485 -6.40 7.43 -1.31
N THR A 486 -6.00 6.21 -0.97
CA THR A 486 -4.79 5.64 -1.52
C THR A 486 -5.08 5.06 -2.89
N VAL A 487 -4.25 5.42 -3.88
CA VAL A 487 -4.44 4.92 -5.24
C VAL A 487 -3.65 3.63 -5.32
N ASN A 488 -4.27 2.55 -4.84
CA ASN A 488 -3.66 1.22 -4.89
C ASN A 488 -4.79 0.21 -4.92
N ALA A 489 -5.10 -0.28 -6.12
CA ALA A 489 -6.19 -1.23 -6.35
C ALA A 489 -5.59 -2.57 -6.73
N TYR A 490 -5.91 -3.61 -5.96
CA TYR A 490 -5.23 -4.88 -6.09
C TYR A 490 -6.23 -6.00 -5.81
N TYR A 491 -5.70 -7.21 -5.72
CA TYR A 491 -6.45 -8.39 -5.34
C TYR A 491 -5.64 -9.09 -4.26
N ASN A 492 -6.27 -9.35 -3.12
CA ASN A 492 -5.59 -9.97 -1.99
C ASN A 492 -6.00 -11.43 -1.93
N PRO A 493 -5.16 -12.37 -2.40
CA PRO A 493 -5.60 -13.77 -2.48
C PRO A 493 -5.61 -14.50 -1.15
N GLY A 494 -4.97 -13.95 -0.12
CA GLY A 494 -5.00 -14.57 1.19
C GLY A 494 -6.31 -14.41 1.92
N MET A 495 -7.13 -13.43 1.51
CA MET A 495 -8.45 -13.25 2.09
C MET A 495 -9.55 -13.14 1.04
N ASN A 496 -9.20 -13.19 -0.26
CA ASN A 496 -10.08 -13.30 -1.43
C ASN A 496 -11.04 -12.11 -1.55
N GLU A 497 -10.46 -10.94 -1.80
CA GLU A 497 -11.28 -9.80 -2.19
C GLU A 497 -10.49 -8.89 -3.11
N ILE A 498 -11.20 -8.02 -3.77
CA ILE A 498 -10.60 -6.84 -4.38
C ILE A 498 -10.71 -5.70 -3.39
N VAL A 499 -9.69 -4.84 -3.36
CA VAL A 499 -9.71 -3.64 -2.52
C VAL A 499 -9.59 -2.46 -3.47
N PHE A 500 -10.72 -1.84 -3.81
CA PHE A 500 -10.73 -0.70 -4.72
C PHE A 500 -11.23 0.52 -3.96
N PRO A 501 -10.34 1.37 -3.41
CA PRO A 501 -10.79 2.56 -2.67
C PRO A 501 -11.36 3.66 -3.56
N ALA A 502 -11.80 4.76 -2.97
CA ALA A 502 -12.50 5.78 -3.72
C ALA A 502 -11.58 6.71 -4.52
N ALA A 503 -10.27 6.50 -4.49
CA ALA A 503 -9.35 7.25 -5.32
C ALA A 503 -9.08 6.60 -6.66
N ILE A 504 -9.12 5.26 -6.73
CA ILE A 504 -9.02 4.58 -8.02
C ILE A 504 -10.36 4.61 -8.75
N LEU A 505 -11.46 4.85 -8.02
CA LEU A 505 -12.79 4.92 -8.60
C LEU A 505 -13.16 6.32 -9.08
N GLN A 506 -12.18 7.14 -9.39
CA GLN A 506 -12.27 8.49 -9.93
C GLN A 506 -12.06 8.47 -11.43
N PRO A 507 -12.53 9.48 -12.17
CA PRO A 507 -12.30 9.50 -13.62
C PRO A 507 -10.85 9.69 -13.98
N PRO A 508 -10.36 9.10 -15.09
CA PRO A 508 -11.05 8.40 -16.19
C PRO A 508 -11.26 6.89 -16.02
N PHE A 509 -11.43 6.42 -14.79
CA PHE A 509 -11.69 5.01 -14.54
C PHE A 509 -13.16 4.74 -14.24
N PHE A 510 -13.80 5.64 -13.51
CA PHE A 510 -15.22 5.49 -13.15
C PHE A 510 -15.80 6.89 -12.99
N ASP A 511 -16.50 7.36 -14.03
CA ASP A 511 -17.24 8.60 -13.93
C ASP A 511 -18.71 8.25 -13.67
N PRO A 512 -19.25 8.52 -12.49
CA PRO A 512 -20.58 8.01 -12.15
C PRO A 512 -21.73 8.83 -12.71
N GLN A 513 -21.47 9.97 -13.34
CA GLN A 513 -22.52 10.76 -13.95
C GLN A 513 -22.69 10.49 -15.44
N ALA A 514 -21.71 9.84 -16.07
CA ALA A 514 -21.75 9.59 -17.51
C ALA A 514 -22.55 8.32 -17.80
N ASP A 515 -22.43 7.83 -19.04
CA ASP A 515 -23.11 6.61 -19.42
C ASP A 515 -22.41 5.40 -18.80
N GLU A 516 -23.19 4.34 -18.57
CA GLU A 516 -22.68 3.18 -17.83
C GLU A 516 -21.81 2.25 -18.66
N ALA A 517 -21.62 2.53 -19.96
CA ALA A 517 -20.83 1.65 -20.81
C ALA A 517 -19.34 1.75 -20.49
N ALA A 518 -18.84 2.98 -20.36
CA ALA A 518 -17.40 3.18 -20.16
C ALA A 518 -16.96 2.86 -18.74
N ASN A 519 -17.89 2.77 -17.79
CA ASN A 519 -17.54 2.34 -16.45
C ASN A 519 -17.36 0.84 -16.36
N TYR A 520 -17.86 0.10 -17.35
CA TYR A 520 -17.52 -1.32 -17.47
C TYR A 520 -16.21 -1.49 -18.24
N GLY A 521 -15.96 -0.59 -19.18
CA GLY A 521 -14.68 -0.61 -19.88
C GLY A 521 -13.54 -0.03 -19.07
N GLY A 522 -13.85 0.79 -18.08
CA GLY A 522 -12.88 1.52 -17.30
C GLY A 522 -12.54 0.74 -16.04
N ILE A 523 -13.16 1.09 -14.91
CA ILE A 523 -12.92 0.34 -13.68
C ILE A 523 -13.56 -1.06 -13.71
N GLY A 524 -14.53 -1.32 -14.61
CA GLY A 524 -15.14 -2.62 -14.66
C GLY A 524 -14.28 -3.69 -15.30
N ALA A 525 -13.26 -3.27 -16.06
CA ALA A 525 -12.30 -4.22 -16.60
C ALA A 525 -11.03 -4.30 -15.76
N VAL A 526 -10.71 -3.24 -15.00
CA VAL A 526 -9.65 -3.33 -14.00
C VAL A 526 -10.08 -4.24 -12.85
N ILE A 527 -11.37 -4.21 -12.50
CA ILE A 527 -11.91 -5.10 -11.47
C ILE A 527 -11.93 -6.55 -11.96
N GLY A 528 -12.31 -6.76 -13.21
CA GLY A 528 -12.33 -8.11 -13.77
C GLY A 528 -10.94 -8.67 -14.04
N HIS A 529 -9.96 -7.78 -14.22
CA HIS A 529 -8.56 -8.18 -14.13
C HIS A 529 -8.23 -8.69 -12.74
N GLU A 530 -8.70 -7.99 -11.70
CA GLU A 530 -8.32 -8.39 -10.35
C GLU A 530 -9.21 -9.51 -9.81
N ILE A 531 -10.44 -9.67 -10.29
CA ILE A 531 -11.18 -10.89 -9.95
C ILE A 531 -10.57 -12.07 -10.71
N GLY A 532 -10.16 -11.83 -11.96
CA GLY A 532 -9.52 -12.81 -12.82
C GLY A 532 -8.17 -13.31 -12.35
N HIS A 533 -7.50 -12.58 -11.45
CA HIS A 533 -6.28 -13.09 -10.82
C HIS A 533 -6.57 -14.16 -9.78
N GLY A 534 -7.83 -14.34 -9.37
CA GLY A 534 -8.19 -15.44 -8.50
C GLY A 534 -8.53 -16.72 -9.23
N PHE A 535 -8.74 -16.66 -10.54
CA PHE A 535 -9.14 -17.83 -11.30
C PHE A 535 -8.16 -18.12 -12.43
N ASP A 536 -6.96 -17.56 -12.35
CA ASP A 536 -5.90 -17.77 -13.31
C ASP A 536 -5.01 -18.93 -12.86
N ASP A 537 -3.85 -19.05 -13.49
CA ASP A 537 -2.82 -19.96 -12.99
C ASP A 537 -2.18 -19.45 -11.71
N GLN A 538 -2.20 -18.12 -11.51
CA GLN A 538 -1.74 -17.55 -10.24
C GLN A 538 -2.74 -17.83 -9.14
N GLY A 539 -4.04 -17.70 -9.42
CA GLY A 539 -5.09 -17.97 -8.47
C GLY A 539 -5.52 -19.42 -8.37
N ALA A 540 -4.80 -20.34 -9.01
CA ALA A 540 -5.06 -21.75 -8.82
C ALA A 540 -4.54 -22.26 -7.48
N LYS A 541 -3.60 -21.54 -6.86
CA LYS A 541 -3.05 -21.92 -5.57
C LYS A 541 -3.87 -21.43 -4.40
N TYR A 542 -4.91 -20.63 -4.64
CA TYR A 542 -5.70 -20.04 -3.57
C TYR A 542 -7.17 -20.40 -3.74
N ASP A 543 -7.77 -20.90 -2.67
CA ASP A 543 -9.18 -21.25 -2.66
C ASP A 543 -9.99 -20.04 -2.18
N GLY A 544 -11.26 -20.25 -1.82
CA GLY A 544 -12.11 -19.14 -1.43
C GLY A 544 -11.80 -18.55 -0.07
N ASP A 545 -11.22 -19.36 0.83
CA ASP A 545 -10.83 -18.85 2.14
C ASP A 545 -9.45 -18.22 2.14
N GLY A 546 -8.62 -18.50 1.14
CA GLY A 546 -7.28 -17.95 1.05
C GLY A 546 -6.17 -18.93 1.37
N ASN A 547 -6.49 -20.19 1.67
CA ASN A 547 -5.48 -21.18 2.01
C ASN A 547 -4.74 -21.63 0.75
N LEU A 548 -3.61 -22.31 0.97
CA LEU A 548 -2.74 -22.74 -0.12
C LEU A 548 -3.04 -24.18 -0.51
N VAL A 549 -4.24 -24.36 -1.09
CA VAL A 549 -4.60 -25.62 -1.72
C VAL A 549 -4.76 -25.38 -3.21
N ASP A 550 -4.48 -26.41 -4.00
CA ASP A 550 -4.52 -26.33 -5.45
C ASP A 550 -5.85 -26.91 -5.93
N TRP A 551 -6.68 -26.07 -6.52
CA TRP A 551 -7.95 -26.50 -7.08
C TRP A 551 -7.91 -26.63 -8.59
N TRP A 552 -6.71 -26.63 -9.17
CA TRP A 552 -6.51 -26.98 -10.57
C TRP A 552 -5.80 -28.31 -10.66
N THR A 553 -6.27 -29.17 -11.57
CA THR A 553 -5.59 -30.47 -11.80
C THR A 553 -4.58 -30.29 -12.94
N ASP A 554 -3.79 -31.31 -13.24
CA ASP A 554 -2.74 -31.19 -14.29
C ASP A 554 -3.41 -30.91 -15.63
N ASP A 555 -4.55 -31.55 -15.91
CA ASP A 555 -5.24 -31.35 -17.21
C ASP A 555 -5.64 -29.89 -17.37
N ASP A 556 -6.14 -29.25 -16.30
CA ASP A 556 -6.55 -27.83 -16.37
C ASP A 556 -5.32 -26.97 -16.65
N ARG A 557 -4.20 -27.26 -15.99
CA ARG A 557 -2.97 -26.44 -16.18
C ARG A 557 -2.49 -26.57 -17.62
N THR A 558 -2.47 -27.81 -18.17
CA THR A 558 -1.98 -28.04 -19.55
C THR A 558 -2.91 -27.37 -20.57
N GLU A 559 -4.22 -27.47 -20.36
CA GLU A 559 -5.19 -26.91 -21.34
C GLU A 559 -5.09 -25.39 -21.29
N PHE A 560 -5.07 -24.82 -20.08
CA PHE A 560 -4.94 -23.37 -19.96
C PHE A 560 -3.61 -22.89 -20.52
N ALA A 561 -2.56 -23.71 -20.39
CA ALA A 561 -1.24 -23.34 -20.89
C ALA A 561 -1.19 -23.41 -22.41
N ALA A 562 -1.85 -24.42 -23.01
CA ALA A 562 -1.86 -24.53 -24.46
C ALA A 562 -2.82 -23.55 -25.11
N ARG A 563 -3.84 -23.08 -24.39
CA ARG A 563 -4.70 -22.03 -24.92
C ARG A 563 -3.98 -20.69 -24.89
N THR A 564 -3.28 -20.41 -23.80
CA THR A 564 -2.53 -19.17 -23.63
C THR A 564 -1.08 -19.29 -24.09
N LYS A 565 -0.73 -20.34 -24.81
CA LYS A 565 0.59 -20.41 -25.44
C LYS A 565 0.71 -19.45 -26.61
N ALA A 566 -0.41 -19.07 -27.22
CA ALA A 566 -0.36 -18.18 -28.38
C ALA A 566 -0.05 -16.75 -28.00
N LEU A 567 -0.25 -16.36 -26.73
CA LEU A 567 0.01 -15.00 -26.30
C LEU A 567 1.50 -14.70 -26.19
N ILE A 568 2.33 -15.73 -26.01
CA ILE A 568 3.77 -15.52 -25.90
C ILE A 568 4.37 -15.18 -27.26
N GLU A 569 3.91 -15.85 -28.32
CA GLU A 569 4.37 -15.52 -29.67
C GLU A 569 3.76 -14.25 -30.21
N GLN A 570 2.63 -13.79 -29.66
CA GLN A 570 2.09 -12.50 -30.06
C GLN A 570 2.87 -11.35 -29.44
N TYR A 571 3.27 -11.53 -28.18
CA TYR A 571 3.87 -10.44 -27.42
C TYR A 571 5.38 -10.38 -27.54
N HIS A 572 6.02 -11.42 -28.07
CA HIS A 572 7.45 -11.35 -28.35
C HIS A 572 7.75 -10.49 -29.56
N ALA A 573 6.78 -10.30 -30.46
CA ALA A 573 6.96 -9.54 -31.69
C ALA A 573 6.35 -8.15 -31.61
N TYR A 574 6.41 -7.55 -30.41
CA TYR A 574 5.82 -6.20 -30.20
C TYR A 574 6.89 -5.20 -29.80
N THR A 575 7.01 -4.09 -30.53
CA THR A 575 7.98 -3.03 -30.16
C THR A 575 7.22 -1.72 -29.91
N PRO A 576 7.48 -0.99 -28.81
CA PRO A 576 6.81 0.28 -28.53
C PRO A 576 7.08 1.26 -29.68
N ARG A 577 6.10 2.07 -30.05
CA ARG A 577 6.25 2.98 -31.22
C ARG A 577 7.41 3.98 -30.97
N ASP A 578 7.54 4.48 -29.75
CA ASP A 578 8.67 5.40 -29.42
C ASP A 578 10.00 4.67 -29.57
N LEU A 579 10.09 3.40 -29.18
CA LEU A 579 11.40 2.69 -29.19
C LEU A 579 11.65 1.96 -30.52
N VAL A 580 10.77 2.14 -31.51
CA VAL A 580 10.97 1.48 -32.85
C VAL A 580 12.24 2.04 -33.52
N ASP A 581 12.49 3.36 -33.40
CA ASP A 581 13.66 4.01 -34.06
C ASP A 581 14.98 3.51 -33.48
N HIS A 582 14.99 3.05 -32.22
CA HIS A 582 16.27 2.66 -31.56
C HIS A 582 16.99 1.58 -32.38
N PRO A 583 18.33 1.67 -32.54
CA PRO A 583 19.08 0.72 -33.39
C PRO A 583 18.94 -0.72 -32.89
N GLY A 584 19.02 -0.94 -31.58
CA GLY A 584 18.78 -2.30 -31.05
C GLY A 584 17.30 -2.48 -30.82
N PRO A 585 16.62 -3.41 -31.53
CA PRO A 585 15.16 -3.53 -31.41
C PRO A 585 14.77 -3.97 -30.00
N PRO A 586 13.84 -3.25 -29.32
CA PRO A 586 13.38 -3.65 -27.99
C PRO A 586 12.10 -4.50 -28.12
N HIS A 587 12.11 -5.71 -27.56
CA HIS A 587 10.95 -6.62 -27.72
C HIS A 587 10.30 -6.89 -26.37
N VAL A 588 8.97 -6.82 -26.29
CA VAL A 588 8.27 -7.16 -25.02
C VAL A 588 8.60 -8.61 -24.68
N GLN A 589 9.27 -8.85 -23.56
CA GLN A 589 9.56 -10.23 -23.14
C GLN A 589 8.25 -10.95 -22.85
N GLY A 590 7.70 -11.61 -23.86
CA GLY A 590 6.36 -12.19 -23.79
C GLY A 590 6.24 -13.38 -22.87
N ALA A 591 7.34 -14.06 -22.57
CA ALA A 591 7.31 -15.10 -21.55
C ALA A 591 7.40 -14.52 -20.14
N PHE A 592 7.85 -13.28 -20.01
CA PHE A 592 7.93 -12.61 -18.71
C PHE A 592 6.64 -11.87 -18.38
N THR A 593 6.01 -11.28 -19.38
CA THR A 593 4.76 -10.55 -19.21
C THR A 593 3.55 -11.41 -19.59
N ILE A 594 3.59 -12.71 -19.29
CA ILE A 594 2.50 -13.58 -19.68
C ILE A 594 1.40 -13.58 -18.62
N GLY A 595 1.76 -13.32 -17.36
CA GLY A 595 0.76 -13.38 -16.29
C GLY A 595 -0.15 -12.18 -16.23
N GLU A 596 0.31 -11.04 -16.77
CA GLU A 596 -0.53 -9.86 -16.81
C GLU A 596 -1.23 -9.71 -18.14
N ASN A 597 -0.77 -10.41 -19.17
CA ASN A 597 -1.42 -10.30 -20.48
C ASN A 597 -2.61 -11.24 -20.56
N ILE A 598 -2.58 -12.31 -19.77
CA ILE A 598 -3.74 -13.16 -19.58
C ILE A 598 -4.82 -12.41 -18.81
N GLY A 599 -4.41 -11.70 -17.75
CA GLY A 599 -5.37 -11.06 -16.88
C GLY A 599 -6.01 -9.82 -17.46
N ASP A 600 -5.29 -9.12 -18.35
CA ASP A 600 -5.93 -8.06 -19.11
C ASP A 600 -6.87 -8.62 -20.16
N LEU A 601 -6.58 -9.82 -20.66
CA LEU A 601 -7.48 -10.47 -21.60
C LEU A 601 -8.72 -11.01 -20.91
N GLY A 602 -8.52 -11.62 -19.74
CA GLY A 602 -9.67 -12.07 -18.96
C GLY A 602 -10.41 -10.96 -18.25
N GLY A 603 -9.80 -9.77 -18.15
CA GLY A 603 -10.49 -8.64 -17.58
C GLY A 603 -11.48 -8.01 -18.55
N LEU A 604 -11.07 -7.83 -19.80
CA LEU A 604 -11.93 -7.17 -20.77
C LEU A 604 -13.03 -8.11 -21.28
N SER A 605 -12.76 -9.41 -21.36
CA SER A 605 -13.71 -10.34 -21.94
C SER A 605 -14.85 -10.65 -20.98
N ILE A 606 -14.66 -10.43 -19.69
CA ILE A 606 -15.75 -10.56 -18.72
C ILE A 606 -16.58 -9.29 -18.67
N ALA A 607 -15.95 -8.12 -18.76
CA ALA A 607 -16.65 -6.84 -18.63
C ALA A 607 -17.50 -6.52 -19.86
N LEU A 608 -17.29 -7.24 -20.96
CA LEU A 608 -18.23 -7.19 -22.09
C LEU A 608 -19.45 -8.05 -21.82
N LEU A 609 -19.28 -9.16 -21.10
CA LEU A 609 -20.43 -9.97 -20.72
C LEU A 609 -21.22 -9.31 -19.61
N ALA A 610 -20.53 -8.71 -18.64
CA ALA A 610 -21.18 -8.03 -17.53
C ALA A 610 -21.87 -6.73 -17.96
N TYR A 611 -21.44 -6.15 -19.08
CA TYR A 611 -22.23 -5.08 -19.66
C TYR A 611 -23.48 -5.62 -20.35
N GLN A 612 -23.40 -6.83 -20.91
CA GLN A 612 -24.54 -7.40 -21.62
C GLN A 612 -25.63 -7.89 -20.67
N LEU A 613 -25.27 -8.27 -19.45
CA LEU A 613 -26.28 -8.59 -18.45
C LEU A 613 -26.66 -7.38 -17.60
N SER A 614 -26.19 -6.20 -17.95
CA SER A 614 -26.66 -4.97 -17.32
C SER A 614 -27.76 -4.31 -18.12
N LEU A 615 -27.74 -4.46 -19.45
CA LEU A 615 -28.76 -3.88 -20.29
C LEU A 615 -30.09 -4.61 -20.18
N ASN A 616 -30.05 -5.90 -19.82
CA ASN A 616 -31.22 -6.77 -19.55
C ASN A 616 -32.13 -6.90 -20.76
N GLY A 617 -31.55 -7.15 -21.93
CA GLY A 617 -32.30 -7.33 -23.15
C GLY A 617 -32.52 -6.06 -23.94
N ASN A 618 -32.35 -4.90 -23.32
CA ASN A 618 -32.53 -3.64 -24.03
C ASN A 618 -31.34 -3.37 -24.93
N PRO A 619 -31.54 -2.65 -26.04
CA PRO A 619 -30.40 -2.20 -26.85
C PRO A 619 -29.63 -1.09 -26.14
N ALA A 620 -28.36 -1.00 -26.48
CA ALA A 620 -27.47 -0.04 -25.84
C ALA A 620 -27.74 1.36 -26.39
N PRO A 621 -27.66 2.40 -25.54
CA PRO A 621 -27.88 3.77 -26.03
C PRO A 621 -26.71 4.27 -26.87
N VAL A 622 -27.02 4.82 -28.03
CA VAL A 622 -26.01 5.28 -28.98
C VAL A 622 -25.80 6.77 -28.74
N ILE A 623 -24.56 7.15 -28.42
CA ILE A 623 -24.19 8.54 -28.17
C ILE A 623 -23.10 8.91 -29.18
N ASP A 624 -23.42 9.89 -30.04
CA ASP A 624 -22.55 10.44 -31.11
C ASP A 624 -22.10 9.33 -32.08
N GLY A 625 -23.05 8.46 -32.45
CA GLY A 625 -22.76 7.39 -33.39
C GLY A 625 -21.92 6.26 -32.83
N LEU A 626 -21.90 6.09 -31.51
CA LEU A 626 -21.07 5.08 -30.86
C LEU A 626 -21.97 4.09 -30.13
N THR A 627 -21.87 2.83 -30.53
CA THR A 627 -22.59 1.72 -29.90
C THR A 627 -22.03 1.52 -28.49
N GLY A 628 -22.88 1.07 -27.56
CA GLY A 628 -22.44 0.76 -26.21
C GLY A 628 -21.51 -0.42 -26.10
N MET A 629 -21.53 -1.33 -27.09
CA MET A 629 -20.49 -2.35 -27.19
C MET A 629 -19.16 -1.72 -27.60
N GLN A 630 -19.20 -0.67 -28.42
CA GLN A 630 -17.98 0.02 -28.81
C GLN A 630 -17.46 0.94 -27.71
N ARG A 631 -18.35 1.40 -26.83
CA ARG A 631 -17.92 2.33 -25.78
C ARG A 631 -17.31 1.62 -24.57
N VAL A 632 -17.39 0.28 -24.52
CA VAL A 632 -16.59 -0.46 -23.56
C VAL A 632 -15.13 -0.44 -23.98
N PHE A 633 -14.87 -0.51 -25.29
CA PHE A 633 -13.50 -0.53 -25.78
C PHE A 633 -12.85 0.86 -25.74
N PHE A 634 -13.65 1.91 -25.86
CA PHE A 634 -13.09 3.25 -25.70
C PHE A 634 -12.89 3.59 -24.24
N GLY A 635 -13.59 2.91 -23.33
CA GLY A 635 -13.27 3.03 -21.92
C GLY A 635 -12.17 2.09 -21.50
N TRP A 636 -11.84 1.13 -22.35
CA TRP A 636 -10.68 0.29 -22.12
C TRP A 636 -9.41 0.97 -22.60
N ALA A 637 -9.52 1.78 -23.65
CA ALA A 637 -8.38 2.42 -24.25
C ALA A 637 -8.06 3.78 -23.65
N GLN A 638 -8.74 4.18 -22.57
CA GLN A 638 -8.47 5.44 -21.90
C GLN A 638 -8.00 5.26 -20.47
N ILE A 639 -7.85 4.03 -20.00
CA ILE A 639 -7.30 3.77 -18.68
C ILE A 639 -5.82 3.44 -18.81
N TRP A 640 -5.32 3.43 -20.05
CA TRP A 640 -3.89 3.30 -20.32
C TRP A 640 -3.35 4.55 -20.98
N ARG A 641 -3.83 5.73 -20.57
CA ARG A 641 -3.21 6.97 -21.01
C ARG A 641 -1.88 7.15 -20.29
N THR A 642 -0.82 6.53 -20.82
CA THR A 642 0.47 6.46 -20.15
C THR A 642 1.56 6.55 -21.19
N LYS A 643 2.46 7.51 -21.02
CA LYS A 643 3.69 7.55 -21.79
C LYS A 643 4.86 7.55 -20.82
N SER A 644 6.01 7.11 -21.30
CA SER A 644 7.22 7.08 -20.51
C SER A 644 8.31 7.82 -21.26
N ARG A 645 9.43 8.03 -20.58
CA ARG A 645 10.62 8.52 -21.26
C ARG A 645 11.24 7.39 -22.06
N ALA A 646 12.08 7.76 -23.04
CA ALA A 646 12.69 6.77 -23.92
C ALA A 646 13.78 5.98 -23.21
N ALA A 647 14.36 6.55 -22.15
CA ALA A 647 15.34 5.81 -21.36
C ALA A 647 14.67 4.86 -20.39
N GLU A 648 13.53 5.25 -19.83
CA GLU A 648 12.89 4.44 -18.79
C GLU A 648 12.11 3.27 -19.40
N ALA A 649 11.60 3.44 -20.61
CA ALA A 649 10.80 2.41 -21.28
C ALA A 649 11.64 1.21 -21.69
N ILE A 650 12.94 1.40 -21.95
CA ILE A 650 13.82 0.27 -22.20
C ILE A 650 14.11 -0.49 -20.90
N ARG A 651 14.15 0.24 -19.78
CA ARG A 651 14.23 -0.42 -18.48
C ARG A 651 12.89 -1.05 -18.08
N ARG A 652 11.78 -0.55 -18.64
CA ARG A 652 10.48 -1.16 -18.40
C ARG A 652 10.34 -2.50 -19.12
N LEU A 653 11.08 -2.70 -20.21
CA LEU A 653 11.00 -3.96 -20.93
C LEU A 653 11.86 -5.05 -20.31
N ALA A 654 12.65 -4.74 -19.29
CA ALA A 654 13.55 -5.73 -18.71
C ALA A 654 13.02 -6.29 -17.40
N VAL A 655 12.50 -5.41 -16.53
CA VAL A 655 12.20 -5.81 -15.16
C VAL A 655 10.70 -5.68 -14.81
N ASP A 656 9.94 -4.81 -15.47
CA ASP A 656 8.54 -4.60 -15.15
C ASP A 656 7.69 -5.74 -15.71
N PRO A 657 6.98 -6.50 -14.87
CA PRO A 657 6.25 -7.67 -15.37
C PRO A 657 4.97 -7.36 -16.13
N HIS A 658 4.49 -6.12 -16.09
CA HIS A 658 3.41 -5.73 -16.98
C HIS A 658 3.97 -5.44 -18.37
N SER A 659 3.07 -5.34 -19.33
CA SER A 659 3.44 -4.99 -20.69
C SER A 659 3.64 -3.47 -20.79
N PRO A 660 4.17 -2.98 -21.91
CA PRO A 660 3.98 -1.56 -22.24
C PRO A 660 2.51 -1.24 -22.40
N PRO A 661 2.09 -0.03 -22.00
CA PRO A 661 0.65 0.27 -21.93
C PRO A 661 -0.02 0.47 -23.28
N GLU A 662 0.73 0.55 -24.38
CA GLU A 662 0.10 0.53 -25.69
C GLU A 662 -0.13 -0.90 -26.17
N PHE A 663 0.36 -1.90 -25.44
CA PHE A 663 0.09 -3.28 -25.79
C PHE A 663 -0.71 -4.01 -24.72
N ARG A 664 -1.05 -3.34 -23.62
CA ARG A 664 -2.14 -3.84 -22.79
C ARG A 664 -3.48 -3.47 -23.40
N CYS A 665 -3.54 -2.37 -24.14
CA CYS A 665 -4.77 -2.00 -24.83
C CYS A 665 -4.88 -2.71 -26.17
N ASN A 666 -3.88 -2.56 -27.04
CA ASN A 666 -3.98 -3.08 -28.41
C ASN A 666 -3.76 -4.58 -28.47
N GLY A 667 -2.93 -5.11 -27.58
CA GLY A 667 -2.62 -6.52 -27.62
C GLY A 667 -3.56 -7.43 -26.89
N VAL A 668 -4.71 -6.90 -26.46
CA VAL A 668 -5.74 -7.66 -25.78
C VAL A 668 -7.02 -7.73 -26.62
N VAL A 669 -7.35 -6.64 -27.31
CA VAL A 669 -8.52 -6.60 -28.18
C VAL A 669 -8.36 -7.38 -29.48
N ARG A 670 -7.15 -7.85 -29.80
CA ARG A 670 -6.99 -8.77 -30.93
C ARG A 670 -7.58 -10.14 -30.60
N ASN A 671 -7.53 -10.56 -29.35
CA ASN A 671 -7.96 -11.88 -28.95
C ASN A 671 -9.40 -11.92 -28.42
N VAL A 672 -10.12 -10.80 -28.53
CA VAL A 672 -11.49 -10.69 -28.05
C VAL A 672 -12.40 -10.74 -29.26
N ASP A 673 -13.35 -11.68 -29.26
CA ASP A 673 -14.26 -11.85 -30.39
C ASP A 673 -15.29 -10.74 -30.48
N ALA A 674 -15.57 -10.05 -29.37
CA ALA A 674 -16.51 -8.95 -29.39
C ALA A 674 -15.93 -7.67 -29.95
N PHE A 675 -14.61 -7.60 -30.13
CA PHE A 675 -13.98 -6.44 -30.75
C PHE A 675 -14.25 -6.40 -32.24
N TYR A 676 -14.35 -7.58 -32.87
CA TYR A 676 -14.46 -7.65 -34.33
C TYR A 676 -15.89 -7.36 -34.79
N GLN A 677 -16.88 -7.73 -33.99
CA GLN A 677 -18.27 -7.42 -34.34
C GLN A 677 -18.58 -5.95 -34.13
N ALA A 678 -17.93 -5.33 -33.14
CA ALA A 678 -18.27 -3.96 -32.75
C ALA A 678 -17.70 -2.93 -33.72
N PHE A 679 -16.47 -3.14 -34.17
CA PHE A 679 -15.78 -2.16 -34.99
C PHE A 679 -15.76 -2.51 -36.47
N ASP A 680 -16.30 -3.68 -36.84
CA ASP A 680 -16.35 -4.25 -38.20
C ASP A 680 -14.95 -4.36 -38.80
N VAL A 681 -14.11 -5.16 -38.13
CA VAL A 681 -12.71 -5.31 -38.51
C VAL A 681 -12.62 -6.26 -39.69
N THR A 682 -12.08 -5.79 -40.80
CA THR A 682 -11.98 -6.57 -42.03
C THR A 682 -10.63 -7.30 -42.05
N GLU A 683 -10.27 -7.86 -43.21
CA GLU A 683 -9.06 -8.67 -43.33
C GLU A 683 -7.79 -7.84 -43.41
N ASP A 684 -7.88 -6.59 -43.87
CA ASP A 684 -6.71 -5.77 -44.17
C ASP A 684 -6.29 -4.87 -43.01
N ASP A 685 -6.68 -5.20 -41.79
CA ASP A 685 -6.41 -4.34 -40.64
C ASP A 685 -5.22 -4.84 -39.84
N ALA A 686 -4.62 -3.93 -39.08
CA ALA A 686 -3.38 -4.22 -38.37
C ALA A 686 -3.62 -5.08 -37.12
N LEU A 687 -4.77 -4.92 -36.48
CA LEU A 687 -5.11 -5.75 -35.33
C LEU A 687 -5.93 -6.97 -35.73
N PHE A 688 -6.08 -7.24 -37.02
CA PHE A 688 -6.88 -8.37 -37.47
C PHE A 688 -6.08 -9.65 -37.27
N LEU A 689 -6.42 -10.39 -36.23
CA LEU A 689 -5.90 -11.73 -36.08
C LEU A 689 -6.77 -12.72 -36.86
N ASP A 690 -6.17 -13.84 -37.22
CA ASP A 690 -6.99 -14.94 -37.70
C ASP A 690 -7.68 -15.63 -36.52
N PRO A 691 -8.92 -16.11 -36.68
CA PRO A 691 -9.68 -16.61 -35.51
C PRO A 691 -9.23 -17.95 -34.96
N GLN A 692 -8.28 -18.64 -35.59
CA GLN A 692 -7.76 -19.88 -35.04
C GLN A 692 -6.60 -19.67 -34.09
N ARG A 693 -5.91 -18.54 -34.18
CA ARG A 693 -4.75 -18.26 -33.35
C ARG A 693 -5.09 -17.38 -32.15
N ARG A 694 -6.34 -16.98 -31.99
CA ARG A 694 -6.74 -16.15 -30.86
C ARG A 694 -6.75 -16.94 -29.57
N VAL A 695 -6.67 -16.21 -28.47
CA VAL A 695 -6.75 -16.77 -27.13
C VAL A 695 -8.10 -16.37 -26.53
N ARG A 696 -8.85 -17.35 -26.07
CA ARG A 696 -10.08 -17.10 -25.34
C ARG A 696 -10.01 -17.82 -24.01
N ILE A 697 -10.28 -17.10 -22.93
CA ILE A 697 -10.14 -17.64 -21.59
C ILE A 697 -11.50 -17.92 -20.96
N TRP A 698 -12.51 -17.13 -21.26
CA TRP A 698 -13.80 -17.30 -20.60
C TRP A 698 -14.97 -17.51 -21.54
N ASN A 699 -15.02 -16.79 -22.67
CA ASN A 699 -16.14 -16.96 -23.58
C ASN A 699 -16.00 -18.21 -24.45
ZN ZN B . -2.13 -4.11 -12.80
#